data_3F1Y
#
_entry.id   3F1Y
#
_cell.length_a   108.881
_cell.length_b   108.881
_cell.length_c   311.651
_cell.angle_alpha   90.00
_cell.angle_beta   90.00
_cell.angle_gamma   120.00
#
_symmetry.space_group_name_H-M   'P 65 2 2'
#
loop_
_entity.id
_entity.type
_entity.pdbx_description
1 polymer 'Mannosyl-3-phosphoglycerate synthase'
2 non-polymer 'MAGNESIUM ION'
3 non-polymer 'CHLORIDE ION'
4 water water
#
_entity_poly.entity_id   1
_entity_poly.type   'polypeptide(L)'
_entity_poly.pdbx_seq_one_letter_code
;MHHHHHHSSGLVPRGSGMKETAAAKFERQHMDSPDLGTDDDDKAMADIGSEFMSTYHERPLGPASAAEWFRQRSYDYGQF
PPEDLARRKRELGLTVSAVLPSRNVADTVGGIIDEIHALNERAPLIDQILVVDADSEDGTAGVAASHGAEVYSENELMSG
YGDAHGKGDAMWRALSVTRGDLVLYIDADTRDFRPQLAYGVLGPVLEVPGVRFVKAAYRRPFRKGESIEEDGGGRVTELT
AKPLFNLFYPELAGFVQPLAGEFVADRELFCSIPFLTGYAVETGIMIDVLKKVGLGAMAQVDLGERQNRHQHLRDLSRMS
YAVVRAVARRLRQEGRLQQLREPGLPESFFQLSDYLHAVATPEGLKLQEYVEELVERPPINEVLRVR
;
_entity_poly.pdbx_strand_id   A,C
#
loop_
_chem_comp.id
_chem_comp.type
_chem_comp.name
_chem_comp.formula
CL non-polymer 'CHLORIDE ION' 'Cl -1'
MG non-polymer 'MAGNESIUM ION' 'Mg 2'
#
# COMPACT_ATOMS: atom_id res chain seq x y z
N GLY A 62 -2.92 30.79 1.72
CA GLY A 62 -2.88 29.37 2.10
C GLY A 62 -1.51 29.03 2.70
N PRO A 63 -1.33 27.78 3.16
CA PRO A 63 -0.06 27.34 3.74
C PRO A 63 1.05 27.25 2.71
N ALA A 64 2.25 27.65 3.13
CA ALA A 64 3.42 27.72 2.26
C ALA A 64 3.99 26.36 1.87
N SER A 65 3.82 25.34 2.71
CA SER A 65 4.35 23.98 2.49
C SER A 65 3.68 23.02 3.46
N ALA A 66 3.92 21.71 3.28
CA ALA A 66 3.32 20.71 4.17
C ALA A 66 3.75 21.01 5.58
N ALA A 67 5.03 21.31 5.72
CA ALA A 67 5.67 21.61 7.00
C ALA A 67 5.07 22.83 7.69
N GLU A 68 4.82 23.91 6.95
CA GLU A 68 4.18 25.06 7.56
C GLU A 68 2.74 24.73 8.00
N TRP A 69 1.99 24.00 7.18
CA TRP A 69 0.68 23.54 7.64
C TRP A 69 0.76 22.67 8.88
N PHE A 70 1.67 21.68 8.86
CA PHE A 70 1.84 20.77 9.98
C PHE A 70 2.05 21.57 11.27
N ARG A 71 2.89 22.61 11.20
CA ARG A 71 3.18 23.48 12.33
C ARG A 71 1.97 24.29 12.79
N GLN A 72 1.25 24.88 11.84
CA GLN A 72 0.17 25.79 12.21
C GLN A 72 -1.16 25.10 12.54
N ARG A 73 -1.32 23.84 12.12
CA ARG A 73 -2.62 23.19 12.11
C ARG A 73 -2.63 21.85 12.84
N SER A 74 -1.58 21.58 13.63
CA SER A 74 -1.59 20.42 14.51
C SER A 74 -1.68 20.85 15.96
N TYR A 75 -2.59 20.22 16.72
CA TYR A 75 -2.84 20.54 18.12
C TYR A 75 -2.79 19.31 19.02
N ASP A 76 -2.78 19.53 20.33
CA ASP A 76 -2.85 18.48 21.34
C ASP A 76 -4.21 18.66 21.99
N TYR A 77 -4.80 17.60 22.51
CA TYR A 77 -6.16 17.73 23.05
C TYR A 77 -6.10 18.56 24.32
N GLY A 78 -4.91 18.59 24.92
CA GLY A 78 -4.64 19.35 26.11
C GLY A 78 -4.89 20.84 25.97
N GLN A 79 -4.95 21.35 24.74
CA GLN A 79 -5.16 22.77 24.54
C GLN A 79 -6.64 23.16 24.59
N PHE A 80 -7.52 22.16 24.68
CA PHE A 80 -8.95 22.45 24.66
C PHE A 80 -9.69 21.77 25.81
N PRO A 81 -9.46 22.23 27.04
CA PRO A 81 -10.14 21.56 28.17
C PRO A 81 -11.64 21.51 27.90
N PRO A 82 -12.30 20.41 28.30
CA PRO A 82 -13.71 20.17 27.96
C PRO A 82 -14.64 21.29 28.44
N GLU A 83 -14.41 21.75 29.67
CA GLU A 83 -15.15 22.87 30.27
C GLU A 83 -15.19 24.08 29.35
N ASP A 84 -14.01 24.55 28.98
CA ASP A 84 -13.82 25.65 28.06
C ASP A 84 -14.55 25.47 26.75
N LEU A 85 -14.39 24.29 26.14
CA LEU A 85 -15.07 24.01 24.88
C LEU A 85 -16.56 24.17 25.07
N ALA A 86 -17.09 23.56 26.15
CA ALA A 86 -18.54 23.55 26.37
C ALA A 86 -19.02 24.98 26.52
N ARG A 87 -18.28 25.77 27.31
CA ARG A 87 -18.57 27.18 27.47
C ARG A 87 -18.64 27.83 26.09
N ARG A 88 -17.62 27.58 25.29
CA ARG A 88 -17.49 28.18 23.97
C ARG A 88 -18.67 27.83 23.04
N LYS A 89 -19.02 26.54 23.04
CA LYS A 89 -20.10 26.01 22.22
C LYS A 89 -21.41 26.69 22.59
N ARG A 90 -21.77 26.72 23.87
CA ARG A 90 -22.95 27.46 24.30
C ARG A 90 -22.86 28.90 23.78
N GLU A 91 -21.71 29.53 23.94
CA GLU A 91 -21.52 30.90 23.47
C GLU A 91 -21.75 31.04 21.98
N LEU A 92 -21.33 30.03 21.24
CA LEU A 92 -21.44 30.08 19.80
C LEU A 92 -22.83 29.66 19.33
N GLY A 93 -23.60 29.06 20.24
CA GLY A 93 -24.93 28.59 19.94
C GLY A 93 -24.94 27.38 19.00
N LEU A 94 -23.85 26.61 19.03
CA LEU A 94 -23.68 25.46 18.15
C LEU A 94 -24.09 24.15 18.84
N THR A 95 -24.60 23.21 18.06
CA THR A 95 -24.88 21.85 18.52
C THR A 95 -24.01 20.82 17.76
N VAL A 96 -23.82 19.67 18.39
CA VAL A 96 -22.93 18.63 17.88
C VAL A 96 -23.64 17.28 17.88
N SER A 97 -23.74 16.65 16.71
CA SER A 97 -24.19 15.27 16.58
C SER A 97 -22.97 14.36 16.46
N ALA A 98 -22.87 13.37 17.34
CA ALA A 98 -21.84 12.34 17.24
C ALA A 98 -22.45 11.15 16.49
N VAL A 99 -21.81 10.72 15.40
CA VAL A 99 -22.34 9.62 14.59
C VAL A 99 -21.45 8.40 14.71
N LEU A 100 -22.03 7.27 15.09
CA LEU A 100 -21.28 6.03 15.22
C LEU A 100 -21.80 5.00 14.21
N PRO A 101 -21.10 4.85 13.08
CA PRO A 101 -21.37 3.81 12.06
C PRO A 101 -21.01 2.50 12.71
N SER A 102 -22.01 1.66 12.94
CA SER A 102 -21.76 0.54 13.81
C SER A 102 -22.07 -0.80 13.17
N ARG A 103 -21.05 -1.58 12.88
CA ARG A 103 -21.22 -2.91 12.33
C ARG A 103 -20.66 -3.94 13.27
N ASN A 104 -21.55 -4.72 13.89
CA ASN A 104 -21.17 -5.77 14.84
C ASN A 104 -20.20 -5.26 15.92
N VAL A 105 -20.64 -4.24 16.65
CA VAL A 105 -19.83 -3.65 17.71
C VAL A 105 -20.56 -3.75 19.04
N ALA A 106 -21.29 -4.84 19.25
CA ALA A 106 -22.04 -5.02 20.48
C ALA A 106 -21.14 -5.00 21.72
N ASP A 107 -19.92 -5.49 21.58
CA ASP A 107 -18.98 -5.53 22.71
C ASP A 107 -18.35 -4.16 23.05
N THR A 108 -18.50 -3.17 22.15
CA THR A 108 -17.94 -1.85 22.41
C THR A 108 -18.86 -0.61 22.39
N VAL A 109 -19.94 -0.56 21.58
CA VAL A 109 -20.68 0.72 21.47
C VAL A 109 -21.26 1.13 22.77
N GLY A 110 -21.56 0.15 23.64
CA GLY A 110 -22.19 0.42 24.92
C GLY A 110 -21.27 1.31 25.75
N GLY A 111 -19.99 0.95 25.76
CA GLY A 111 -18.98 1.68 26.51
C GLY A 111 -18.77 3.08 25.95
N ILE A 112 -18.76 3.21 24.64
CA ILE A 112 -18.57 4.50 24.03
C ILE A 112 -19.71 5.44 24.41
N ILE A 113 -20.96 4.96 24.26
CA ILE A 113 -22.10 5.78 24.62
C ILE A 113 -22.05 6.19 26.09
N ASP A 114 -21.69 5.24 26.95
CA ASP A 114 -21.58 5.51 28.37
C ASP A 114 -20.54 6.62 28.63
N GLU A 115 -19.41 6.58 27.92
CA GLU A 115 -18.41 7.60 28.12
C GLU A 115 -18.87 8.95 27.62
N ILE A 116 -19.50 9.00 26.45
CA ILE A 116 -20.00 10.28 25.94
C ILE A 116 -20.97 10.86 26.95
N HIS A 117 -21.82 10.00 27.54
CA HIS A 117 -22.75 10.46 28.56
C HIS A 117 -22.02 11.03 29.78
N ALA A 118 -21.02 10.31 30.30
CA ALA A 118 -20.27 10.83 31.43
C ALA A 118 -19.57 12.15 31.07
N LEU A 119 -19.01 12.22 29.87
CA LEU A 119 -18.37 13.48 29.45
C LEU A 119 -19.36 14.64 29.55
N ASN A 120 -20.53 14.47 28.94
CA ASN A 120 -21.59 15.48 28.97
C ASN A 120 -22.01 15.91 30.38
N GLU A 121 -21.76 15.06 31.37
CA GLU A 121 -21.98 15.40 32.78
C GLU A 121 -21.09 16.57 33.22
N ARG A 122 -19.80 16.43 32.94
CA ARG A 122 -18.80 17.40 33.32
C ARG A 122 -18.88 18.63 32.41
N ALA A 123 -19.21 18.41 31.14
CA ALA A 123 -19.14 19.43 30.11
C ALA A 123 -20.04 19.07 28.96
N PRO A 124 -21.17 19.79 28.79
CA PRO A 124 -22.14 19.47 27.74
C PRO A 124 -21.60 19.78 26.35
N LEU A 125 -21.21 18.75 25.61
CA LEU A 125 -20.56 18.94 24.32
C LEU A 125 -21.28 18.23 23.19
N ILE A 126 -21.91 17.10 23.49
CA ILE A 126 -22.56 16.33 22.42
C ILE A 126 -24.07 16.30 22.59
N ASP A 127 -24.80 16.77 21.59
CA ASP A 127 -26.24 16.95 21.73
C ASP A 127 -27.04 15.72 21.33
N GLN A 128 -26.54 14.99 20.34
CA GLN A 128 -27.24 13.89 19.74
C GLN A 128 -26.21 12.77 19.61
N ILE A 129 -26.52 11.60 20.17
CA ILE A 129 -25.68 10.44 19.94
C ILE A 129 -26.43 9.53 18.99
N LEU A 130 -25.86 9.38 17.81
CA LEU A 130 -26.56 8.74 16.73
C LEU A 130 -25.80 7.47 16.30
N VAL A 131 -26.40 6.33 16.56
CA VAL A 131 -25.82 5.06 16.12
C VAL A 131 -26.54 4.58 14.86
N VAL A 132 -25.77 4.40 13.79
CA VAL A 132 -26.34 3.82 12.59
C VAL A 132 -25.90 2.38 12.50
N ASP A 133 -26.87 1.48 12.68
CA ASP A 133 -26.63 0.05 12.73
C ASP A 133 -26.47 -0.45 11.30
N ALA A 134 -25.26 -0.84 10.93
CA ALA A 134 -25.00 -1.29 9.56
C ALA A 134 -25.29 -2.78 9.38
N ASP A 135 -26.58 -3.12 9.42
CA ASP A 135 -27.07 -4.49 9.39
C ASP A 135 -26.23 -5.45 10.24
N SER A 136 -26.07 -5.15 11.53
CA SER A 136 -25.35 -6.06 12.45
C SER A 136 -26.15 -7.32 12.76
N GLU A 137 -25.44 -8.41 13.00
CA GLU A 137 -26.11 -9.62 13.45
C GLU A 137 -25.87 -9.93 14.94
N ASP A 138 -25.14 -9.03 15.63
CA ASP A 138 -24.68 -9.30 17.01
C ASP A 138 -25.44 -8.67 18.20
N GLY A 139 -26.46 -7.86 17.93
CA GLY A 139 -27.23 -7.23 19.01
C GLY A 139 -26.86 -5.76 19.20
N THR A 140 -25.96 -5.30 18.33
CA THR A 140 -25.53 -3.91 18.31
C THR A 140 -26.66 -2.89 18.50
N ALA A 141 -27.72 -3.02 17.72
CA ALA A 141 -28.83 -2.07 17.77
C ALA A 141 -29.45 -2.01 19.18
N GLY A 142 -29.72 -3.18 19.78
CA GLY A 142 -30.26 -3.25 21.12
C GLY A 142 -29.34 -2.78 22.23
N VAL A 143 -28.06 -3.10 22.12
CA VAL A 143 -27.06 -2.59 23.04
C VAL A 143 -27.03 -1.06 22.97
N ALA A 144 -26.85 -0.48 21.79
CA ALA A 144 -26.90 0.97 21.63
C ALA A 144 -28.15 1.59 22.24
N ALA A 145 -29.33 1.07 21.85
CA ALA A 145 -30.61 1.50 22.41
C ALA A 145 -30.70 1.43 23.93
N SER A 146 -30.30 0.31 24.51
CA SER A 146 -30.41 0.13 25.95
C SER A 146 -29.46 1.06 26.75
N HIS A 147 -28.40 1.58 26.10
CA HIS A 147 -27.50 2.58 26.71
C HIS A 147 -27.92 4.01 26.47
N GLY A 148 -29.01 4.22 25.74
CA GLY A 148 -29.59 5.54 25.59
C GLY A 148 -29.29 6.32 24.32
N ALA A 149 -28.62 5.70 23.34
CA ALA A 149 -28.32 6.38 22.07
C ALA A 149 -29.54 6.34 21.14
N GLU A 150 -29.67 7.30 20.22
CA GLU A 150 -30.65 7.16 19.13
C GLU A 150 -30.09 6.17 18.13
N VAL A 151 -30.86 5.12 17.85
CA VAL A 151 -30.39 4.07 16.94
C VAL A 151 -31.25 3.96 15.68
N TYR A 152 -30.61 3.80 14.54
CA TYR A 152 -31.29 3.66 13.27
C TYR A 152 -30.64 2.50 12.50
N SER A 153 -31.42 1.64 11.84
CA SER A 153 -30.76 0.66 10.98
C SER A 153 -30.44 1.36 9.69
N GLU A 154 -29.35 1.01 9.03
CA GLU A 154 -29.09 1.76 7.82
C GLU A 154 -30.05 1.47 6.67
N ASN A 155 -30.65 0.26 6.66
CA ASN A 155 -31.70 -0.07 5.72
C ASN A 155 -32.85 0.95 5.75
N GLU A 156 -33.17 1.50 6.91
CA GLU A 156 -34.34 2.37 7.04
C GLU A 156 -34.13 3.84 6.64
N LEU A 157 -32.86 4.28 6.56
CA LEU A 157 -32.54 5.65 6.18
C LEU A 157 -32.36 5.70 4.67
N MET A 158 -32.74 6.82 4.04
CA MET A 158 -32.60 6.96 2.57
C MET A 158 -33.03 5.67 1.87
N SER A 159 -34.21 5.17 2.23
CA SER A 159 -34.60 3.81 1.90
C SER A 159 -34.66 3.51 0.41
N GLY A 160 -34.92 4.56 -0.37
CA GLY A 160 -34.87 4.44 -1.83
C GLY A 160 -33.51 4.07 -2.37
N TYR A 161 -32.52 3.94 -1.50
CA TYR A 161 -31.19 3.59 -1.99
C TYR A 161 -30.85 2.08 -1.94
N GLY A 162 -31.78 1.27 -1.48
CA GLY A 162 -31.47 -0.15 -1.33
C GLY A 162 -30.81 -0.43 -0.01
N ASP A 163 -30.15 -1.59 0.10
CA ASP A 163 -29.59 -2.01 1.37
C ASP A 163 -28.17 -1.46 1.59
N ALA A 164 -27.72 -1.49 2.84
CA ALA A 164 -26.39 -1.02 3.28
C ALA A 164 -25.25 -1.47 2.39
N HIS A 165 -24.50 -0.52 1.87
CA HIS A 165 -23.32 -0.87 1.11
C HIS A 165 -22.07 -0.42 1.86
N GLY A 166 -22.03 -0.67 3.16
CA GLY A 166 -20.77 -0.44 3.87
C GLY A 166 -20.65 0.81 4.72
N LYS A 167 -19.46 1.01 5.31
CA LYS A 167 -19.26 2.08 6.27
C LYS A 167 -19.68 3.43 5.65
N GLY A 168 -19.21 3.70 4.44
CA GLY A 168 -19.51 4.97 3.80
C GLY A 168 -20.99 5.20 3.67
N ASP A 169 -21.72 4.15 3.25
CA ASP A 169 -23.16 4.30 3.01
C ASP A 169 -23.81 4.67 4.35
N ALA A 170 -23.37 4.01 5.42
CA ALA A 170 -23.89 4.28 6.77
C ALA A 170 -23.65 5.75 7.16
N MET A 171 -22.38 6.17 7.05
CA MET A 171 -21.99 7.52 7.38
C MET A 171 -22.74 8.55 6.58
N TRP A 172 -22.93 8.27 5.30
CA TRP A 172 -23.69 9.16 4.42
C TRP A 172 -25.17 9.25 4.84
N ARG A 173 -25.82 8.09 4.96
CA ARG A 173 -27.24 8.06 5.30
C ARG A 173 -27.49 8.72 6.64
N ALA A 174 -26.55 8.57 7.56
CA ALA A 174 -26.64 9.23 8.88
C ALA A 174 -26.99 10.73 8.80
N LEU A 175 -26.45 11.41 7.78
CA LEU A 175 -26.70 12.85 7.61
C LEU A 175 -28.21 13.16 7.54
N SER A 176 -29.03 12.22 7.07
CA SER A 176 -30.47 12.52 6.98
C SER A 176 -31.13 12.65 8.32
N VAL A 177 -30.52 12.11 9.37
CA VAL A 177 -31.12 12.25 10.70
C VAL A 177 -30.26 13.00 11.75
N THR A 178 -29.07 13.45 11.37
CA THR A 178 -28.23 14.32 12.23
C THR A 178 -28.83 15.72 12.33
N ARG A 179 -29.06 16.18 13.56
CA ARG A 179 -29.62 17.52 13.76
C ARG A 179 -28.56 18.59 14.07
N GLY A 180 -27.36 18.18 14.45
CA GLY A 180 -26.36 19.13 14.90
C GLY A 180 -25.82 20.05 13.80
N ASP A 181 -25.39 21.24 14.20
CA ASP A 181 -24.63 22.13 13.33
C ASP A 181 -23.33 21.46 12.93
N LEU A 182 -22.71 20.78 13.90
CA LEU A 182 -21.51 20.02 13.67
C LEU A 182 -21.79 18.51 13.71
N VAL A 183 -21.23 17.81 12.73
CA VAL A 183 -21.22 16.37 12.73
C VAL A 183 -19.84 15.81 13.11
N LEU A 184 -19.80 15.06 14.20
CA LEU A 184 -18.59 14.39 14.70
C LEU A 184 -18.70 12.90 14.40
N TYR A 185 -17.90 12.39 13.47
CA TYR A 185 -17.92 10.96 13.24
C TYR A 185 -17.00 10.34 14.25
N ILE A 186 -17.34 9.13 14.68
CA ILE A 186 -16.60 8.42 15.71
C ILE A 186 -16.58 6.94 15.37
N ASP A 187 -15.47 6.24 15.62
CA ASP A 187 -15.48 4.80 15.40
C ASP A 187 -16.19 4.08 16.52
N ALA A 188 -17.04 3.11 16.13
CA ALA A 188 -17.88 2.40 17.07
C ALA A 188 -17.18 1.22 17.74
N ASP A 189 -15.99 0.86 17.26
CA ASP A 189 -15.28 -0.35 17.69
C ASP A 189 -14.11 -0.13 18.67
N THR A 190 -13.95 1.09 19.15
CA THR A 190 -12.90 1.43 20.12
C THR A 190 -13.08 0.75 21.49
N ARG A 191 -12.08 0.00 21.95
CA ARG A 191 -12.25 -0.84 23.15
C ARG A 191 -12.15 -0.13 24.50
N ASP A 192 -11.29 0.88 24.62
CA ASP A 192 -11.33 1.71 25.80
C ASP A 192 -11.40 3.16 25.36
N PHE A 193 -12.59 3.71 25.46
CA PHE A 193 -12.89 5.02 24.88
C PHE A 193 -12.64 6.10 25.91
N ARG A 194 -11.57 6.86 25.72
CA ARG A 194 -11.24 7.95 26.63
C ARG A 194 -11.96 9.20 26.18
N PRO A 195 -12.34 10.06 27.13
CA PRO A 195 -13.20 11.22 26.91
C PRO A 195 -12.71 12.04 25.73
N GLN A 196 -11.40 12.19 25.60
CA GLN A 196 -10.85 13.05 24.56
C GLN A 196 -11.14 12.60 23.11
N LEU A 197 -11.47 11.33 22.92
CA LEU A 197 -11.91 10.90 21.57
C LEU A 197 -13.25 11.54 21.20
N ALA A 198 -13.96 12.05 22.19
CA ALA A 198 -15.12 12.86 21.89
C ALA A 198 -14.75 14.30 21.58
N TYR A 199 -14.09 14.98 22.50
CA TYR A 199 -14.04 16.43 22.38
C TYR A 199 -12.80 17.00 21.64
N GLY A 200 -11.71 16.24 21.61
CA GLY A 200 -10.44 16.76 21.13
C GLY A 200 -10.54 17.50 19.81
N VAL A 201 -11.22 16.89 18.85
CA VAL A 201 -11.28 17.44 17.50
C VAL A 201 -12.23 18.63 17.39
N LEU A 202 -13.06 18.84 18.40
CA LEU A 202 -13.97 19.98 18.42
C LEU A 202 -13.16 21.25 18.68
N GLY A 203 -12.05 21.08 19.36
CA GLY A 203 -11.18 22.20 19.75
C GLY A 203 -10.96 23.22 18.65
N PRO A 204 -10.29 22.81 17.56
CA PRO A 204 -10.02 23.76 16.48
C PRO A 204 -11.25 24.27 15.72
N VAL A 205 -12.32 23.47 15.53
CA VAL A 205 -13.50 24.03 14.84
C VAL A 205 -14.15 25.07 15.70
N LEU A 206 -14.06 24.89 17.01
CA LEU A 206 -14.73 25.79 17.92
C LEU A 206 -13.90 27.06 18.18
N GLU A 207 -12.59 27.00 18.04
CA GLU A 207 -11.75 28.09 18.54
C GLU A 207 -10.80 28.73 17.54
N VAL A 208 -10.58 28.08 16.40
CA VAL A 208 -9.65 28.66 15.43
C VAL A 208 -10.36 29.16 14.19
N PRO A 209 -10.33 30.47 13.96
CA PRO A 209 -10.82 31.09 12.72
C PRO A 209 -10.42 30.27 11.48
N GLY A 210 -11.40 30.01 10.62
CA GLY A 210 -11.11 29.45 9.32
C GLY A 210 -10.98 27.95 9.29
N VAL A 211 -10.80 27.35 10.47
CA VAL A 211 -10.71 25.88 10.53
C VAL A 211 -12.10 25.26 10.42
N ARG A 212 -12.29 24.38 9.45
CA ARG A 212 -13.61 23.87 9.10
C ARG A 212 -13.73 22.36 9.24
N PHE A 213 -12.60 21.65 9.25
CA PHE A 213 -12.55 20.18 9.30
C PHE A 213 -11.40 19.76 10.23
N VAL A 214 -11.64 18.80 11.11
CA VAL A 214 -10.57 18.40 12.03
C VAL A 214 -10.52 16.88 12.16
N LYS A 215 -9.33 16.32 11.96
CA LYS A 215 -9.16 14.88 11.98
C LYS A 215 -8.43 14.49 13.26
N ALA A 216 -8.68 13.30 13.77
CA ALA A 216 -7.89 12.79 14.89
C ALA A 216 -6.49 12.40 14.42
N ALA A 217 -5.54 12.51 15.34
CA ALA A 217 -4.22 11.88 15.22
C ALA A 217 -4.03 11.15 16.54
N TYR A 218 -3.29 10.04 16.54
CA TYR A 218 -3.05 9.28 17.76
C TYR A 218 -1.97 8.24 17.55
N ARG A 219 -1.57 7.58 18.62
CA ARG A 219 -0.57 6.51 18.53
C ARG A 219 -1.03 5.23 19.25
N ARG A 220 -0.61 4.09 18.75
CA ARG A 220 -0.87 2.81 19.41
C ARG A 220 0.03 2.67 20.65
N PRO A 221 -0.31 1.77 21.59
CA PRO A 221 0.68 1.44 22.61
C PRO A 221 1.89 0.72 22.01
N GLU A 229 9.28 4.71 19.96
CA GLU A 229 7.84 4.79 19.65
C GLU A 229 7.56 5.85 18.57
N GLU A 230 7.29 5.37 17.35
CA GLU A 230 6.99 6.25 16.22
C GLU A 230 5.87 5.67 15.38
N ASP A 231 4.64 6.02 15.73
CA ASP A 231 3.47 5.47 15.04
C ASP A 231 3.04 6.28 13.82
N GLY A 232 3.18 5.67 12.64
CA GLY A 232 2.75 6.27 11.39
C GLY A 232 1.38 5.74 10.96
N GLY A 233 0.70 5.08 11.89
CA GLY A 233 -0.62 4.54 11.64
C GLY A 233 -0.64 3.04 11.35
N GLY A 234 -1.83 2.52 11.02
CA GLY A 234 -1.96 1.12 10.72
C GLY A 234 -1.34 0.81 9.38
N ARG A 235 -1.50 -0.43 8.94
CA ARG A 235 -0.87 -0.90 7.71
C ARG A 235 -1.43 -0.32 6.43
N VAL A 236 -2.75 -0.17 6.33
CA VAL A 236 -3.29 0.45 5.12
C VAL A 236 -2.85 1.92 5.05
N THR A 237 -2.83 2.62 6.20
CA THR A 237 -2.38 4.00 6.24
C THR A 237 -0.92 4.10 5.76
N GLU A 238 -0.09 3.23 6.33
CA GLU A 238 1.35 3.32 6.18
C GLU A 238 1.77 2.97 4.76
N LEU A 239 1.12 1.94 4.23
CA LEU A 239 1.61 1.29 3.02
C LEU A 239 0.80 1.61 1.78
N THR A 240 -0.36 2.25 1.95
CA THR A 240 -1.24 2.54 0.82
C THR A 240 -1.56 4.03 0.77
N ALA A 241 -2.19 4.55 1.82
CA ALA A 241 -2.61 5.95 1.85
C ALA A 241 -1.43 6.95 1.86
N LYS A 242 -0.53 6.82 2.81
CA LYS A 242 0.57 7.80 2.86
C LYS A 242 1.40 7.79 1.58
N PRO A 243 1.76 6.61 1.04
CA PRO A 243 2.44 6.65 -0.26
C PRO A 243 1.69 7.31 -1.39
N LEU A 244 0.40 6.99 -1.56
CA LEU A 244 -0.42 7.60 -2.61
C LEU A 244 -0.64 9.09 -2.39
N PHE A 245 -0.79 9.50 -1.14
CA PHE A 245 -0.99 10.91 -0.86
C PHE A 245 0.29 11.69 -1.15
N ASN A 246 1.44 11.16 -0.72
CA ASN A 246 2.71 11.84 -1.04
C ASN A 246 2.85 12.06 -2.53
N LEU A 247 2.50 11.04 -3.32
CA LEU A 247 2.58 11.21 -4.75
C LEU A 247 1.54 12.16 -5.36
N PHE A 248 0.25 11.89 -5.08
CA PHE A 248 -0.87 12.53 -5.79
C PHE A 248 -1.54 13.70 -5.07
N TYR A 249 -1.50 13.68 -3.75
CA TYR A 249 -2.15 14.73 -2.95
C TYR A 249 -1.19 15.16 -1.82
N PRO A 250 -0.02 15.70 -2.20
CA PRO A 250 1.06 16.07 -1.26
C PRO A 250 0.49 16.93 -0.14
N GLU A 251 -0.57 17.70 -0.38
CA GLU A 251 -1.14 18.51 0.68
C GLU A 251 -1.66 17.68 1.85
N LEU A 252 -1.88 16.39 1.65
CA LEU A 252 -2.45 15.52 2.71
C LEU A 252 -1.40 14.77 3.53
N ALA A 253 -0.12 14.93 3.15
CA ALA A 253 0.99 14.18 3.73
C ALA A 253 1.28 14.53 5.20
N GLY A 254 0.84 15.70 5.65
CA GLY A 254 1.04 16.06 7.03
C GLY A 254 0.10 15.39 8.05
N PHE A 255 -0.92 14.67 7.59
CA PHE A 255 -1.85 14.03 8.53
C PHE A 255 -1.24 12.75 9.11
N VAL A 256 -1.24 12.63 10.43
CA VAL A 256 -0.73 11.43 11.05
C VAL A 256 -1.65 10.20 10.81
N GLN A 257 -2.97 10.37 10.96
CA GLN A 257 -3.92 9.31 10.67
C GLN A 257 -4.98 9.77 9.64
N PRO A 258 -4.57 9.86 8.38
CA PRO A 258 -5.47 10.41 7.37
C PRO A 258 -6.72 9.54 7.24
N LEU A 259 -6.65 8.26 7.61
CA LEU A 259 -7.86 7.39 7.48
C LEU A 259 -8.65 7.23 8.79
N ALA A 260 -8.38 8.09 9.76
CA ALA A 260 -9.08 7.99 11.03
C ALA A 260 -10.58 8.20 10.83
N GLY A 261 -11.35 7.42 11.58
CA GLY A 261 -12.78 7.59 11.63
C GLY A 261 -13.27 8.72 12.53
N GLU A 262 -12.45 9.27 13.45
CA GLU A 262 -12.91 10.42 14.23
C GLU A 262 -12.56 11.61 13.43
N PHE A 263 -13.57 12.38 13.05
CA PHE A 263 -13.31 13.71 12.48
C PHE A 263 -14.58 14.51 12.58
N VAL A 264 -14.50 15.83 12.55
CA VAL A 264 -15.71 16.64 12.64
C VAL A 264 -15.67 17.73 11.58
N ALA A 265 -16.85 18.16 11.15
CA ALA A 265 -17.01 19.36 10.31
C ALA A 265 -18.42 19.90 10.46
N ASP A 266 -18.68 21.06 9.86
CA ASP A 266 -20.03 21.60 9.77
C ASP A 266 -20.89 20.60 8.97
N ARG A 267 -22.14 20.46 9.38
CA ARG A 267 -23.03 19.53 8.74
C ARG A 267 -23.15 19.88 7.26
N GLU A 268 -23.21 21.18 6.97
CA GLU A 268 -23.26 21.66 5.58
C GLU A 268 -22.13 21.18 4.69
N LEU A 269 -20.95 20.99 5.27
CA LEU A 269 -19.81 20.53 4.46
C LEU A 269 -20.13 19.11 4.06
N PHE A 270 -20.45 18.26 5.03
CA PHE A 270 -20.71 16.86 4.68
C PHE A 270 -21.88 16.69 3.73
N CYS A 271 -22.93 17.51 3.86
CA CYS A 271 -24.09 17.41 2.98
C CYS A 271 -23.81 17.81 1.55
N SER A 272 -22.63 18.43 1.33
CA SER A 272 -22.35 18.99 0.03
C SER A 272 -21.29 18.20 -0.77
N ILE A 273 -20.83 17.07 -0.24
CA ILE A 273 -19.84 16.24 -0.93
C ILE A 273 -20.31 14.80 -1.18
N PRO A 274 -19.80 14.15 -2.24
CA PRO A 274 -20.26 12.76 -2.41
C PRO A 274 -19.62 11.86 -1.35
N PHE A 275 -20.17 10.69 -1.08
CA PHE A 275 -19.54 9.72 -0.19
C PHE A 275 -19.36 8.40 -0.96
N LEU A 276 -18.12 7.91 -1.01
CA LEU A 276 -17.87 6.55 -1.47
C LEU A 276 -18.41 5.65 -0.40
N THR A 277 -18.97 4.49 -0.79
CA THR A 277 -19.72 3.70 0.18
C THR A 277 -18.92 2.71 1.02
N GLY A 278 -17.83 2.16 0.51
CA GLY A 278 -17.23 1.08 1.25
C GLY A 278 -16.07 1.54 2.12
N TYR A 279 -14.99 0.78 2.11
CA TYR A 279 -13.85 1.16 2.92
C TYR A 279 -13.23 2.49 2.45
N ALA A 280 -13.33 2.78 1.16
CA ALA A 280 -12.69 3.99 0.60
C ALA A 280 -13.28 5.29 1.12
N VAL A 281 -14.34 5.20 1.92
CA VAL A 281 -14.98 6.45 2.35
C VAL A 281 -14.04 7.52 2.97
N GLU A 282 -13.14 7.16 3.87
CA GLU A 282 -12.33 8.17 4.53
C GLU A 282 -11.37 8.84 3.52
N THR A 283 -10.85 8.01 2.63
CA THR A 283 -10.00 8.47 1.54
C THR A 283 -10.70 9.49 0.67
N GLY A 284 -11.95 9.21 0.28
CA GLY A 284 -12.68 10.13 -0.56
C GLY A 284 -13.02 11.41 0.16
N ILE A 285 -13.35 11.33 1.44
CA ILE A 285 -13.66 12.51 2.22
C ILE A 285 -12.44 13.45 2.37
N MET A 286 -11.29 12.86 2.69
CA MET A 286 -10.06 13.63 2.78
C MET A 286 -9.81 14.42 1.50
N ILE A 287 -9.83 13.75 0.36
CA ILE A 287 -9.61 14.39 -0.93
C ILE A 287 -10.64 15.47 -1.25
N ASP A 288 -11.93 15.15 -1.06
CA ASP A 288 -13.00 16.08 -1.40
C ASP A 288 -13.05 17.27 -0.45
N VAL A 289 -12.82 17.06 0.83
CA VAL A 289 -12.75 18.20 1.74
C VAL A 289 -11.55 19.14 1.38
N LEU A 290 -10.40 18.54 1.07
CA LEU A 290 -9.24 19.32 0.63
C LEU A 290 -9.62 20.25 -0.53
N LYS A 291 -10.22 19.67 -1.56
CA LYS A 291 -10.59 20.45 -2.73
C LYS A 291 -11.60 21.52 -2.40
N LYS A 292 -12.49 21.24 -1.44
CA LYS A 292 -13.55 22.16 -1.13
C LYS A 292 -13.10 23.34 -0.25
N VAL A 293 -12.45 23.05 0.87
CA VAL A 293 -12.16 24.09 1.86
C VAL A 293 -10.69 24.60 1.84
N GLY A 294 -9.80 23.80 1.27
CA GLY A 294 -8.40 24.15 1.22
C GLY A 294 -7.67 23.63 2.43
N LEU A 295 -6.37 23.35 2.26
CA LEU A 295 -5.55 22.77 3.33
C LEU A 295 -5.58 23.62 4.62
N GLY A 296 -5.51 24.94 4.45
CA GLY A 296 -5.49 25.88 5.56
C GLY A 296 -6.68 25.75 6.52
N ALA A 297 -7.79 25.18 6.03
CA ALA A 297 -9.03 25.05 6.82
C ALA A 297 -9.14 23.65 7.43
N MET A 298 -8.13 22.81 7.17
CA MET A 298 -8.04 21.49 7.77
C MET A 298 -7.05 21.51 8.95
N ALA A 299 -7.33 20.69 9.97
CA ALA A 299 -6.47 20.57 11.13
C ALA A 299 -6.44 19.12 11.63
N GLN A 300 -5.55 18.84 12.58
CA GLN A 300 -5.57 17.53 13.21
C GLN A 300 -5.24 17.69 14.68
N VAL A 301 -5.81 16.85 15.53
CA VAL A 301 -5.55 16.95 16.97
C VAL A 301 -5.01 15.65 17.53
N ASP A 302 -3.88 15.73 18.20
CA ASP A 302 -3.28 14.59 18.86
C ASP A 302 -4.18 14.19 20.03
N LEU A 303 -4.68 12.96 20.00
CA LEU A 303 -5.62 12.51 21.04
C LEU A 303 -4.95 11.54 21.99
N GLY A 304 -3.63 11.36 21.84
CA GLY A 304 -2.92 10.43 22.68
C GLY A 304 -2.89 9.01 22.14
N GLU A 305 -3.27 8.04 22.97
CA GLU A 305 -3.18 6.62 22.61
C GLU A 305 -4.47 5.97 22.11
N ARG A 306 -4.31 5.03 21.18
CA ARG A 306 -5.42 4.25 20.67
C ARG A 306 -4.92 2.85 20.33
N GLN A 307 -5.47 1.86 21.03
CA GLN A 307 -5.17 0.46 20.75
C GLN A 307 -5.69 0.17 19.35
N ASN A 308 -4.78 -0.10 18.41
CA ASN A 308 -5.19 -0.39 17.03
C ASN A 308 -5.88 -1.75 16.94
N ARG A 309 -6.73 -1.96 15.93
CA ARG A 309 -7.42 -3.23 15.81
C ARG A 309 -6.52 -4.27 15.14
N HIS A 310 -6.88 -5.53 15.31
CA HIS A 310 -6.20 -6.66 14.70
C HIS A 310 -6.98 -7.04 13.45
N GLN A 311 -6.27 -7.46 12.41
CA GLN A 311 -6.91 -7.89 11.18
C GLN A 311 -5.99 -8.80 10.38
N HIS A 312 -6.57 -9.54 9.45
CA HIS A 312 -5.78 -10.44 8.62
C HIS A 312 -5.26 -9.70 7.39
N LEU A 313 -3.94 -9.75 7.21
CA LEU A 313 -3.27 -9.06 6.09
C LEU A 313 -4.00 -9.34 4.76
N ARG A 314 -4.42 -10.57 4.55
CA ARG A 314 -5.24 -10.93 3.39
C ARG A 314 -6.47 -10.03 3.18
N ASP A 315 -7.14 -9.62 4.25
CA ASP A 315 -8.31 -8.73 4.17
C ASP A 315 -7.98 -7.23 4.07
N LEU A 316 -6.80 -6.84 4.57
CA LEU A 316 -6.35 -5.46 4.39
C LEU A 316 -6.13 -5.23 2.89
N SER A 317 -5.76 -6.29 2.17
CA SER A 317 -5.36 -6.13 0.78
C SER A 317 -6.53 -5.52 -0.01
N ARG A 318 -7.74 -6.01 0.22
CA ARG A 318 -8.89 -5.47 -0.49
C ARG A 318 -9.26 -4.07 -0.04
N MET A 319 -8.98 -3.76 1.22
CA MET A 319 -9.15 -2.40 1.71
C MET A 319 -8.16 -1.45 1.00
N SER A 320 -6.93 -1.93 0.82
CA SER A 320 -5.91 -1.14 0.13
C SER A 320 -6.40 -0.91 -1.29
N TYR A 321 -7.02 -1.96 -1.87
CA TYR A 321 -7.54 -1.81 -3.22
C TYR A 321 -8.57 -0.68 -3.30
N ALA A 322 -9.41 -0.57 -2.27
CA ALA A 322 -10.45 0.48 -2.28
C ALA A 322 -9.80 1.87 -2.23
N VAL A 323 -8.77 2.00 -1.40
CA VAL A 323 -8.03 3.25 -1.29
C VAL A 323 -7.47 3.62 -2.66
N VAL A 324 -6.87 2.64 -3.33
CA VAL A 324 -6.33 2.84 -4.67
C VAL A 324 -7.42 3.29 -5.63
N ARG A 325 -8.55 2.56 -5.60
CA ARG A 325 -9.70 2.83 -6.47
C ARG A 325 -10.23 4.24 -6.26
N ALA A 326 -10.29 4.68 -5.02
CA ALA A 326 -10.76 6.02 -4.72
C ALA A 326 -9.83 7.12 -5.29
N VAL A 327 -8.53 6.95 -5.10
CA VAL A 327 -7.54 7.91 -5.64
C VAL A 327 -7.71 7.89 -7.15
N ALA A 328 -7.71 6.69 -7.74
CA ALA A 328 -7.76 6.58 -9.19
C ALA A 328 -9.00 7.29 -9.74
N ARG A 329 -10.13 7.08 -9.07
CA ARG A 329 -11.34 7.75 -9.52
C ARG A 329 -11.23 9.27 -9.45
N ARG A 330 -10.78 9.77 -8.31
CA ARG A 330 -10.54 11.22 -8.23
C ARG A 330 -9.51 11.76 -9.24
N LEU A 331 -8.46 10.99 -9.51
CA LEU A 331 -7.46 11.42 -10.48
C LEU A 331 -8.09 11.51 -11.86
N ARG A 332 -8.98 10.56 -12.17
CA ARG A 332 -9.66 10.56 -13.46
C ARG A 332 -10.60 11.77 -13.62
N GLN A 333 -11.31 12.12 -12.55
CA GLN A 333 -12.20 13.29 -12.58
C GLN A 333 -11.37 14.59 -12.79
N GLU A 334 -10.18 14.67 -12.18
CA GLU A 334 -9.32 15.85 -12.35
C GLU A 334 -8.68 15.88 -13.73
N GLY A 335 -8.61 14.72 -14.38
CA GLY A 335 -8.01 14.68 -15.70
C GLY A 335 -6.53 14.35 -15.65
N ARG A 336 -6.02 14.08 -14.45
CA ARG A 336 -4.64 13.62 -14.29
C ARG A 336 -4.42 12.18 -14.76
N LEU A 337 -5.45 11.36 -14.59
CA LEU A 337 -5.45 10.01 -15.09
C LEU A 337 -6.37 10.03 -16.30
N GLN A 338 -5.88 9.61 -17.44
CA GLN A 338 -6.79 9.41 -18.53
C GLN A 338 -6.62 8.04 -19.13
N GLN A 339 -7.55 7.63 -19.98
CA GLN A 339 -7.54 6.29 -20.57
C GLN A 339 -6.92 5.21 -19.67
N LEU A 340 -7.49 5.10 -18.47
CA LEU A 340 -7.14 4.04 -17.51
C LEU A 340 -6.88 2.64 -18.11
N ARG A 341 -7.78 2.15 -18.96
CA ARG A 341 -7.53 0.92 -19.66
C ARG A 341 -6.49 1.13 -20.76
N GLU A 342 -5.40 0.37 -20.71
CA GLU A 342 -4.39 0.50 -21.74
C GLU A 342 -4.90 0.07 -23.09
N PRO A 343 -4.77 0.97 -24.05
CA PRO A 343 -5.13 0.58 -25.41
C PRO A 343 -4.24 -0.60 -25.78
N GLY A 344 -4.86 -1.73 -26.09
CA GLY A 344 -4.11 -2.92 -26.46
C GLY A 344 -4.57 -4.03 -25.54
N LEU A 345 -4.56 -3.69 -24.26
CA LEU A 345 -5.14 -4.55 -23.22
C LEU A 345 -6.56 -4.96 -23.61
N PRO A 346 -6.75 -6.27 -23.90
CA PRO A 346 -8.04 -6.93 -24.12
C PRO A 346 -9.07 -6.57 -23.04
N GLU A 347 -10.35 -6.57 -23.41
CA GLU A 347 -11.43 -6.21 -22.49
C GLU A 347 -11.46 -7.19 -21.33
N SER A 348 -11.17 -8.47 -21.63
CA SER A 348 -11.28 -9.52 -20.63
C SER A 348 -10.36 -9.32 -19.42
N PHE A 349 -9.27 -8.56 -19.59
CA PHE A 349 -8.41 -8.19 -18.45
C PHE A 349 -8.91 -7.03 -17.63
N PHE A 350 -9.87 -6.29 -18.16
CA PHE A 350 -10.32 -5.03 -17.51
C PHE A 350 -11.67 -5.11 -16.77
N GLN A 351 -11.60 -5.16 -15.45
CA GLN A 351 -12.78 -5.12 -14.61
C GLN A 351 -12.47 -4.61 -13.24
N LEU A 352 -12.64 -3.32 -13.05
CA LEU A 352 -12.19 -2.67 -11.82
C LEU A 352 -12.81 -3.29 -10.57
N SER A 353 -14.07 -3.71 -10.66
CA SER A 353 -14.78 -4.30 -9.53
C SER A 353 -14.20 -5.67 -9.16
N ASP A 354 -13.46 -6.25 -10.08
CA ASP A 354 -12.85 -7.56 -9.91
C ASP A 354 -11.40 -7.50 -9.34
N TYR A 355 -11.23 -7.83 -8.07
CA TYR A 355 -9.92 -7.85 -7.44
C TYR A 355 -9.33 -9.25 -7.41
N LEU A 356 -8.22 -9.48 -8.13
CA LEU A 356 -7.57 -10.80 -8.04
C LEU A 356 -6.45 -10.82 -7.02
N HIS A 357 -6.46 -11.82 -6.16
CA HIS A 357 -5.51 -11.88 -5.09
C HIS A 357 -4.82 -13.24 -5.11
N ALA A 358 -3.62 -13.30 -5.66
CA ALA A 358 -2.93 -14.58 -5.81
C ALA A 358 -2.25 -14.94 -4.51
N VAL A 359 -2.35 -16.20 -4.10
CA VAL A 359 -1.83 -16.63 -2.82
C VAL A 359 -1.16 -17.98 -2.97
N ALA A 360 -0.33 -18.32 -1.99
CA ALA A 360 0.32 -19.61 -1.94
C ALA A 360 -0.25 -20.31 -0.71
N THR A 361 -0.68 -21.56 -0.86
CA THR A 361 -1.30 -22.25 0.27
C THR A 361 -0.59 -23.56 0.45
N PRO A 362 -0.82 -24.24 1.59
CA PRO A 362 -0.07 -25.49 1.78
C PRO A 362 -0.39 -26.48 0.65
N GLU A 363 -1.50 -26.22 -0.05
CA GLU A 363 -1.99 -27.11 -1.09
C GLU A 363 -1.74 -26.60 -2.50
N GLY A 364 -0.95 -25.53 -2.63
CA GLY A 364 -0.62 -24.99 -3.94
C GLY A 364 -0.90 -23.51 -4.05
N LEU A 365 -0.62 -22.95 -5.23
CA LEU A 365 -0.97 -21.56 -5.52
C LEU A 365 -2.44 -21.49 -5.97
N LYS A 366 -3.14 -20.44 -5.54
CA LYS A 366 -4.54 -20.24 -5.94
C LYS A 366 -4.81 -18.78 -6.27
N LEU A 367 -5.70 -18.56 -7.23
CA LEU A 367 -6.10 -17.21 -7.61
C LEU A 367 -7.48 -16.90 -7.02
N GLN A 368 -7.50 -16.11 -5.96
CA GLN A 368 -8.73 -15.71 -5.31
C GLN A 368 -9.29 -14.49 -5.99
N GLU A 369 -10.61 -14.45 -6.13
CA GLU A 369 -11.26 -13.32 -6.74
C GLU A 369 -12.28 -12.67 -5.83
N TYR A 370 -12.23 -11.36 -5.74
CA TYR A 370 -13.20 -10.62 -4.92
C TYR A 370 -13.92 -9.60 -5.79
N VAL A 371 -15.24 -9.66 -5.78
CA VAL A 371 -16.03 -8.69 -6.52
C VAL A 371 -16.75 -7.72 -5.61
N GLU A 372 -16.30 -6.47 -5.64
CA GLU A 372 -16.93 -5.38 -4.93
C GLU A 372 -17.09 -4.16 -5.85
N GLU A 373 -18.33 -3.79 -6.17
CA GLU A 373 -18.58 -2.64 -7.02
C GLU A 373 -18.31 -1.38 -6.20
N LEU A 374 -17.71 -0.35 -6.83
CA LEU A 374 -17.42 0.90 -6.13
C LEU A 374 -18.61 1.88 -6.20
N VAL A 375 -19.57 1.71 -5.30
CA VAL A 375 -20.76 2.54 -5.25
C VAL A 375 -20.47 3.93 -4.62
N GLU A 376 -21.02 4.98 -5.22
CA GLU A 376 -20.77 6.31 -4.72
C GLU A 376 -22.13 7.01 -4.59
N ARG A 377 -22.36 7.63 -3.44
CA ARG A 377 -23.52 8.47 -3.15
C ARG A 377 -23.28 9.94 -3.54
N PRO A 378 -24.30 10.60 -4.11
CA PRO A 378 -24.18 12.01 -4.47
C PRO A 378 -24.29 12.88 -3.19
N PRO A 379 -23.91 14.17 -3.29
CA PRO A 379 -24.12 15.07 -2.14
C PRO A 379 -25.56 14.90 -1.65
N ILE A 380 -25.72 14.55 -0.39
CA ILE A 380 -27.04 14.19 0.10
C ILE A 380 -28.00 15.37 -0.06
N ASN A 381 -27.48 16.60 -0.01
CA ASN A 381 -28.23 17.80 -0.35
C ASN A 381 -29.10 17.65 -1.59
N GLU A 382 -28.59 16.89 -2.55
CA GLU A 382 -29.23 16.83 -3.87
C GLU A 382 -30.43 15.86 -3.90
N VAL A 383 -30.66 15.18 -2.78
CA VAL A 383 -31.40 13.94 -2.78
C VAL A 383 -32.24 13.76 -1.50
N LEU A 384 -32.03 14.64 -0.53
CA LEU A 384 -32.81 14.67 0.70
C LEU A 384 -33.95 15.69 0.61
N ARG A 385 -35.12 15.40 1.18
CA ARG A 385 -36.17 16.42 1.29
C ARG A 385 -35.65 17.69 1.98
N VAL A 386 -35.80 18.86 1.33
CA VAL A 386 -35.14 20.12 1.80
C VAL A 386 -35.67 20.68 3.15
N LEU B 61 -2.32 -15.55 -29.16
CA LEU B 61 -2.57 -14.12 -29.00
C LEU B 61 -2.11 -13.69 -27.61
N GLY B 62 -1.75 -14.68 -26.80
CA GLY B 62 -1.51 -14.47 -25.39
C GLY B 62 -2.68 -15.03 -24.58
N PRO B 63 -2.54 -15.04 -23.25
CA PRO B 63 -3.61 -15.50 -22.37
C PRO B 63 -4.79 -14.53 -22.48
N ALA B 64 -6.02 -15.05 -22.45
CA ALA B 64 -7.18 -14.20 -22.56
C ALA B 64 -7.54 -13.57 -21.24
N SER B 65 -6.98 -14.06 -20.13
CA SER B 65 -7.27 -13.49 -18.81
C SER B 65 -6.21 -13.84 -17.79
N ALA B 66 -6.22 -13.13 -16.69
CA ALA B 66 -5.29 -13.42 -15.62
C ALA B 66 -5.50 -14.83 -15.13
N ALA B 67 -6.77 -15.28 -15.05
CA ALA B 67 -7.03 -16.64 -14.62
C ALA B 67 -6.50 -17.63 -15.65
N GLU B 68 -6.68 -17.35 -16.92
CA GLU B 68 -6.14 -18.26 -17.92
C GLU B 68 -4.58 -18.39 -17.77
N TRP B 69 -3.88 -17.25 -17.67
CA TRP B 69 -2.44 -17.25 -17.47
C TRP B 69 -2.07 -17.99 -16.20
N PHE B 70 -2.81 -17.70 -15.13
CA PHE B 70 -2.52 -18.32 -13.85
C PHE B 70 -2.51 -19.86 -13.95
N ARG B 71 -3.46 -20.43 -14.68
CA ARG B 71 -3.50 -21.88 -14.87
C ARG B 71 -2.34 -22.38 -15.73
N GLN B 72 -2.10 -21.70 -16.84
CA GLN B 72 -1.11 -22.15 -17.81
C GLN B 72 0.36 -21.80 -17.47
N ARG B 73 0.60 -20.88 -16.54
CA ARG B 73 1.95 -20.38 -16.37
C ARG B 73 2.42 -20.43 -14.92
N SER B 74 1.71 -21.17 -14.08
CA SER B 74 2.13 -21.38 -12.70
C SER B 74 2.52 -22.83 -12.55
N TYR B 75 3.68 -23.05 -11.94
CA TYR B 75 4.21 -24.39 -11.78
C TYR B 75 4.64 -24.61 -10.36
N ASP B 76 5.02 -25.86 -10.09
CA ASP B 76 5.55 -26.26 -8.81
C ASP B 76 6.93 -26.74 -9.12
N TYR B 77 7.85 -26.59 -8.16
CA TYR B 77 9.24 -26.89 -8.41
C TYR B 77 9.47 -28.40 -8.49
N GLY B 78 8.54 -29.15 -7.92
CA GLY B 78 8.51 -30.58 -8.06
C GLY B 78 8.40 -31.00 -9.51
N GLN B 79 7.82 -30.17 -10.37
CA GLN B 79 7.68 -30.54 -11.78
C GLN B 79 9.00 -30.53 -12.57
N PHE B 80 10.06 -30.02 -11.96
CA PHE B 80 11.33 -29.82 -12.64
C PHE B 80 12.51 -30.40 -11.88
N PRO B 81 12.59 -31.74 -11.83
CA PRO B 81 13.74 -32.36 -11.16
C PRO B 81 15.02 -31.75 -11.69
N PRO B 82 15.93 -31.39 -10.77
CA PRO B 82 17.17 -30.69 -11.14
C PRO B 82 17.98 -31.44 -12.19
N GLU B 83 18.03 -32.78 -12.11
CA GLU B 83 18.84 -33.52 -13.06
C GLU B 83 18.24 -33.46 -14.46
N ASP B 84 16.90 -33.44 -14.56
CA ASP B 84 16.24 -33.21 -15.84
C ASP B 84 16.56 -31.83 -16.42
N LEU B 85 16.53 -30.80 -15.58
CA LEU B 85 16.90 -29.45 -16.00
C LEU B 85 18.35 -29.40 -16.51
N ALA B 86 19.23 -30.09 -15.80
CA ALA B 86 20.65 -30.09 -16.12
C ALA B 86 20.90 -30.70 -17.49
N ARG B 87 20.20 -31.79 -17.79
CA ARG B 87 20.29 -32.41 -19.11
C ARG B 87 19.86 -31.46 -20.23
N ARG B 88 18.72 -30.81 -20.05
CA ARG B 88 18.16 -29.92 -21.07
C ARG B 88 19.06 -28.72 -21.28
N LYS B 89 19.52 -28.12 -20.18
CA LYS B 89 20.52 -27.07 -20.22
C LYS B 89 21.78 -27.46 -21.01
N ARG B 90 22.29 -28.66 -20.75
CA ARG B 90 23.45 -29.17 -21.46
C ARG B 90 23.14 -29.33 -22.95
N GLU B 91 21.98 -29.89 -23.27
CA GLU B 91 21.55 -30.14 -24.66
C GLU B 91 21.48 -28.86 -25.50
N LEU B 92 21.10 -27.77 -24.85
CA LEU B 92 20.92 -26.46 -25.49
C LEU B 92 22.20 -25.59 -25.42
N GLY B 93 23.18 -26.03 -24.63
CA GLY B 93 24.42 -25.31 -24.47
C GLY B 93 24.18 -24.02 -23.71
N LEU B 94 23.16 -23.95 -22.87
CA LEU B 94 22.91 -22.70 -22.16
C LEU B 94 23.74 -22.60 -20.89
N THR B 95 24.14 -21.37 -20.56
CA THR B 95 24.79 -21.12 -19.28
C THR B 95 23.92 -20.22 -18.41
N VAL B 96 24.11 -20.33 -17.10
CA VAL B 96 23.32 -19.58 -16.13
C VAL B 96 24.25 -18.80 -15.19
N SER B 97 24.03 -17.51 -15.06
CA SER B 97 24.72 -16.75 -14.03
C SER B 97 23.78 -16.51 -12.87
N ALA B 98 24.29 -16.65 -11.65
CA ALA B 98 23.47 -16.32 -10.49
C ALA B 98 24.00 -15.02 -9.88
N VAL B 99 23.14 -14.01 -9.82
CA VAL B 99 23.55 -12.71 -9.29
C VAL B 99 22.98 -12.48 -7.90
N LEU B 100 23.85 -12.27 -6.91
CA LEU B 100 23.42 -12.01 -5.54
C LEU B 100 23.75 -10.56 -5.13
N PRO B 101 22.77 -9.64 -5.19
CA PRO B 101 23.00 -8.23 -4.76
C PRO B 101 23.13 -8.19 -3.26
N SER B 102 24.30 -7.82 -2.77
CA SER B 102 24.65 -8.11 -1.39
C SER B 102 25.04 -6.86 -0.61
N ARG B 103 24.23 -6.53 0.40
CA ARG B 103 24.52 -5.45 1.31
C ARG B 103 24.47 -5.96 2.76
N ASN B 104 25.65 -6.17 3.34
CA ASN B 104 25.77 -6.62 4.73
C ASN B 104 25.07 -7.95 4.99
N VAL B 105 25.61 -9.01 4.40
CA VAL B 105 24.98 -10.32 4.46
C VAL B 105 26.00 -11.40 4.72
N ALA B 106 27.00 -11.06 5.52
CA ALA B 106 28.09 -11.95 5.84
C ALA B 106 27.63 -13.27 6.43
N ASP B 107 26.49 -13.25 7.10
CA ASP B 107 26.02 -14.45 7.80
C ASP B 107 25.23 -15.42 6.90
N THR B 108 24.69 -14.92 5.79
CA THR B 108 23.89 -15.76 4.91
C THR B 108 24.55 -16.17 3.56
N VAL B 109 25.29 -15.26 2.91
CA VAL B 109 25.85 -15.57 1.59
C VAL B 109 26.72 -16.82 1.59
N GLY B 110 27.39 -17.09 2.70
CA GLY B 110 28.17 -18.30 2.84
C GLY B 110 27.40 -19.58 2.55
N GLY B 111 26.18 -19.66 3.08
CA GLY B 111 25.37 -20.86 2.96
C GLY B 111 24.83 -20.96 1.55
N ILE B 112 24.31 -19.84 1.05
CA ILE B 112 23.79 -19.78 -0.31
C ILE B 112 24.79 -20.30 -1.35
N ILE B 113 26.02 -19.79 -1.29
CA ILE B 113 27.04 -20.19 -2.24
C ILE B 113 27.31 -21.67 -2.04
N ASP B 114 27.43 -22.07 -0.78
CA ASP B 114 27.66 -23.44 -0.44
C ASP B 114 26.61 -24.37 -1.01
N GLU B 115 25.36 -23.95 -0.90
CA GLU B 115 24.27 -24.80 -1.33
C GLU B 115 24.24 -24.89 -2.85
N ILE B 116 24.49 -23.76 -3.51
CA ILE B 116 24.55 -23.74 -4.98
C ILE B 116 25.63 -24.71 -5.50
N HIS B 117 26.83 -24.63 -4.92
CA HIS B 117 27.87 -25.60 -5.22
C HIS B 117 27.38 -27.04 -4.97
N ALA B 118 26.74 -27.29 -3.84
CA ALA B 118 26.29 -28.65 -3.54
C ALA B 118 25.28 -29.17 -4.59
N LEU B 119 24.37 -28.31 -5.01
CA LEU B 119 23.44 -28.63 -6.08
C LEU B 119 24.14 -28.92 -7.42
N ASN B 120 25.06 -28.04 -7.86
CA ASN B 120 25.86 -28.32 -9.05
C ASN B 120 26.53 -29.72 -9.04
N GLU B 121 26.84 -30.28 -7.86
CA GLU B 121 27.41 -31.63 -7.78
C GLU B 121 26.47 -32.70 -8.33
N ARG B 122 25.20 -32.64 -7.91
CA ARG B 122 24.19 -33.56 -8.37
C ARG B 122 23.78 -33.22 -9.79
N ALA B 123 23.75 -31.92 -10.12
CA ALA B 123 23.17 -31.46 -11.39
C ALA B 123 23.71 -30.08 -11.76
N PRO B 124 24.64 -29.99 -12.72
CA PRO B 124 25.25 -28.69 -12.99
C PRO B 124 24.26 -27.71 -13.61
N LEU B 125 23.97 -26.64 -12.89
CA LEU B 125 22.94 -25.70 -13.30
C LEU B 125 23.37 -24.22 -13.25
N ILE B 126 24.29 -23.89 -12.36
CA ILE B 126 24.72 -22.51 -12.19
C ILE B 126 26.18 -22.46 -12.58
N ASP B 127 26.48 -21.73 -13.65
CA ASP B 127 27.85 -21.68 -14.16
C ASP B 127 28.73 -20.62 -13.51
N GLN B 128 28.10 -19.55 -13.05
CA GLN B 128 28.82 -18.44 -12.49
C GLN B 128 28.02 -17.88 -11.32
N ILE B 129 28.66 -17.69 -10.17
CA ILE B 129 28.00 -17.03 -9.04
C ILE B 129 28.62 -15.67 -8.79
N LEU B 130 27.85 -14.60 -8.93
CA LEU B 130 28.38 -13.24 -8.76
C LEU B 130 27.81 -12.57 -7.52
N VAL B 131 28.66 -12.30 -6.54
CA VAL B 131 28.24 -11.46 -5.43
C VAL B 131 28.58 -9.99 -5.77
N VAL B 132 27.59 -9.12 -5.87
CA VAL B 132 27.81 -7.71 -6.14
C VAL B 132 27.62 -6.98 -4.82
N ASP B 133 28.73 -6.52 -4.26
CA ASP B 133 28.79 -6.07 -2.88
C ASP B 133 28.56 -4.58 -2.78
N ALA B 134 27.63 -4.15 -1.94
CA ALA B 134 27.47 -2.72 -1.72
C ALA B 134 28.47 -2.17 -0.67
N ASP B 135 29.74 -2.55 -0.80
CA ASP B 135 30.75 -2.08 0.13
C ASP B 135 30.26 -2.26 1.56
N SER B 136 29.75 -3.43 1.85
CA SER B 136 29.33 -3.82 3.19
C SER B 136 30.42 -3.59 4.22
N GLU B 137 30.00 -3.19 5.43
CA GLU B 137 30.90 -2.92 6.55
C GLU B 137 31.17 -4.21 7.33
N ASP B 138 30.48 -5.28 6.95
CA ASP B 138 30.50 -6.51 7.75
C ASP B 138 31.41 -7.62 7.23
N GLY B 139 32.13 -7.37 6.13
CA GLY B 139 33.00 -8.39 5.55
C GLY B 139 32.32 -9.37 4.60
N THR B 140 31.15 -8.99 4.09
CA THR B 140 30.46 -9.71 3.03
C THR B 140 31.44 -10.21 1.94
N ALA B 141 32.21 -9.28 1.38
CA ALA B 141 33.18 -9.58 0.33
C ALA B 141 34.09 -10.76 0.67
N GLY B 142 34.75 -10.69 1.82
CA GLY B 142 35.65 -11.75 2.25
C GLY B 142 34.95 -13.09 2.35
N VAL B 143 33.78 -13.09 3.00
CA VAL B 143 33.00 -14.33 3.11
C VAL B 143 32.72 -14.96 1.74
N ALA B 144 32.17 -14.16 0.83
CA ALA B 144 31.77 -14.67 -0.48
C ALA B 144 32.96 -15.17 -1.29
N ALA B 145 34.08 -14.44 -1.20
CA ALA B 145 35.27 -14.82 -1.94
C ALA B 145 35.78 -16.16 -1.44
N SER B 146 35.84 -16.31 -0.12
CA SER B 146 36.43 -17.49 0.49
C SER B 146 35.57 -18.73 0.28
N HIS B 147 34.30 -18.49 -0.06
CA HIS B 147 33.38 -19.57 -0.40
C HIS B 147 33.35 -19.87 -1.91
N GLY B 148 34.10 -19.10 -2.68
CA GLY B 148 34.33 -19.45 -4.07
C GLY B 148 33.39 -18.80 -5.06
N ALA B 149 32.75 -17.72 -4.64
CA ALA B 149 31.92 -16.93 -5.53
C ALA B 149 32.84 -15.87 -6.13
N GLU B 150 32.49 -15.35 -7.29
CA GLU B 150 33.14 -14.17 -7.82
C GLU B 150 32.59 -12.95 -7.07
N VAL B 151 33.46 -12.00 -6.72
CA VAL B 151 33.01 -10.80 -5.98
C VAL B 151 33.33 -9.50 -6.72
N TYR B 152 32.41 -8.55 -6.71
CA TYR B 152 32.54 -7.29 -7.42
C TYR B 152 31.99 -6.21 -6.54
N SER B 153 32.59 -5.02 -6.53
CA SER B 153 31.99 -3.86 -5.86
C SER B 153 30.98 -3.14 -6.75
N GLU B 154 29.82 -2.79 -6.22
CA GLU B 154 28.86 -2.15 -7.08
C GLU B 154 29.36 -0.79 -7.59
N ASN B 155 30.33 -0.20 -6.89
CA ASN B 155 30.80 1.13 -7.27
C ASN B 155 31.88 1.07 -8.34
N GLU B 156 32.56 -0.06 -8.45
CA GLU B 156 33.54 -0.23 -9.51
C GLU B 156 32.91 -0.57 -10.89
N LEU B 157 31.80 -1.30 -10.91
CA LEU B 157 31.14 -1.66 -12.18
C LEU B 157 30.53 -0.39 -12.79
N MET B 158 30.62 -0.21 -14.11
CA MET B 158 29.96 0.94 -14.74
C MET B 158 30.30 2.26 -14.01
N SER B 159 31.56 2.43 -13.62
CA SER B 159 31.93 3.51 -12.71
C SER B 159 31.73 4.90 -13.27
N GLY B 160 31.61 4.99 -14.59
CA GLY B 160 31.34 6.28 -15.23
C GLY B 160 30.04 6.89 -14.72
N TYR B 161 29.15 6.06 -14.17
CA TYR B 161 27.84 6.50 -13.64
C TYR B 161 27.91 7.04 -12.20
N GLY B 162 29.10 7.06 -11.60
CA GLY B 162 29.25 7.46 -10.20
C GLY B 162 28.95 6.33 -9.22
N ASP B 163 28.78 6.65 -7.94
CA ASP B 163 28.42 5.63 -6.95
C ASP B 163 27.02 5.08 -7.15
N ALA B 164 26.78 3.88 -6.63
CA ALA B 164 25.50 3.19 -6.86
C ALA B 164 24.29 3.72 -6.08
N HIS B 165 23.14 3.76 -6.77
CA HIS B 165 21.86 4.19 -6.21
C HIS B 165 21.05 2.96 -5.77
N GLY B 166 21.59 2.21 -4.81
CA GLY B 166 20.81 1.13 -4.19
C GLY B 166 20.71 -0.17 -4.97
N LYS B 167 19.68 -0.97 -4.65
CA LYS B 167 19.61 -2.35 -5.10
C LYS B 167 19.50 -2.42 -6.61
N GLY B 168 18.60 -1.66 -7.20
CA GLY B 168 18.40 -1.68 -8.63
C GLY B 168 19.69 -1.29 -9.38
N ASP B 169 20.46 -0.33 -8.85
CA ASP B 169 21.71 0.05 -9.52
C ASP B 169 22.61 -1.17 -9.54
N ALA B 170 22.76 -1.84 -8.40
CA ALA B 170 23.65 -2.99 -8.35
C ALA B 170 23.21 -4.12 -9.30
N MET B 171 21.91 -4.29 -9.49
CA MET B 171 21.41 -5.37 -10.33
C MET B 171 21.68 -5.09 -11.80
N TRP B 172 21.50 -3.82 -12.18
CA TRP B 172 21.77 -3.39 -13.53
C TRP B 172 23.27 -3.54 -13.86
N ARG B 173 24.12 -2.99 -13.00
CA ARG B 173 25.58 -3.04 -13.22
C ARG B 173 26.11 -4.45 -13.36
N ALA B 174 25.43 -5.40 -12.69
CA ALA B 174 25.89 -6.78 -12.69
C ALA B 174 25.82 -7.33 -14.10
N LEU B 175 24.97 -6.74 -14.94
CA LEU B 175 24.80 -7.24 -16.31
C LEU B 175 26.07 -7.03 -17.12
N SER B 176 26.95 -6.14 -16.65
CA SER B 176 28.27 -5.96 -17.28
C SER B 176 29.25 -7.09 -16.94
N VAL B 177 28.95 -7.93 -15.95
CA VAL B 177 29.89 -9.04 -15.63
C VAL B 177 29.28 -10.47 -15.68
N THR B 178 27.96 -10.57 -15.80
CA THR B 178 27.33 -11.88 -16.00
C THR B 178 27.69 -12.39 -17.41
N ARG B 179 28.22 -13.60 -17.50
CA ARG B 179 28.54 -14.18 -18.80
C ARG B 179 27.47 -15.19 -19.25
N GLY B 180 26.55 -15.55 -18.36
CA GLY B 180 25.57 -16.59 -18.63
C GLY B 180 24.54 -16.16 -19.65
N ASP B 181 24.11 -17.07 -20.54
CA ASP B 181 22.95 -16.82 -21.40
C ASP B 181 21.73 -16.44 -20.59
N LEU B 182 21.63 -16.99 -19.39
CA LEU B 182 20.51 -16.73 -18.50
C LEU B 182 20.98 -16.10 -17.20
N VAL B 183 20.22 -15.14 -16.70
CA VAL B 183 20.57 -14.48 -15.44
C VAL B 183 19.55 -14.73 -14.35
N LEU B 184 20.02 -15.29 -13.25
CA LEU B 184 19.13 -15.65 -12.17
C LEU B 184 19.44 -14.72 -10.99
N TYR B 185 18.49 -13.88 -10.60
CA TYR B 185 18.69 -13.02 -9.43
C TYR B 185 18.24 -13.77 -8.18
N ILE B 186 18.99 -13.60 -7.10
CA ILE B 186 18.70 -14.30 -5.85
C ILE B 186 18.87 -13.35 -4.68
N ASP B 187 18.13 -13.56 -3.60
CA ASP B 187 18.29 -12.82 -2.36
C ASP B 187 19.52 -13.27 -1.61
N ALA B 188 20.30 -12.31 -1.13
CA ALA B 188 21.54 -12.64 -0.46
C ALA B 188 21.34 -12.87 1.02
N ASP B 189 20.13 -12.58 1.50
CA ASP B 189 19.85 -12.62 2.95
C ASP B 189 19.02 -13.83 3.42
N THR B 190 18.91 -14.84 2.58
CA THR B 190 18.16 -16.04 2.95
C THR B 190 18.92 -16.89 3.96
N ARG B 191 18.23 -17.26 5.03
CA ARG B 191 18.87 -17.98 6.13
C ARG B 191 19.03 -19.47 5.83
N ASP B 192 17.96 -20.09 5.33
CA ASP B 192 18.00 -21.50 4.97
C ASP B 192 17.78 -21.64 3.49
N PHE B 193 18.88 -21.69 2.74
CA PHE B 193 18.80 -21.76 1.28
C PHE B 193 18.57 -23.19 0.82
N ARG B 194 17.34 -23.48 0.39
CA ARG B 194 17.02 -24.80 -0.10
C ARG B 194 17.30 -24.90 -1.60
N PRO B 195 17.74 -26.08 -2.04
CA PRO B 195 18.09 -26.37 -3.43
C PRO B 195 17.13 -25.75 -4.46
N GLN B 196 15.81 -25.79 -4.24
CA GLN B 196 14.91 -25.33 -5.30
C GLN B 196 14.94 -23.83 -5.47
N LEU B 197 15.45 -23.14 -4.46
CA LEU B 197 15.64 -21.70 -4.61
C LEU B 197 16.66 -21.46 -5.71
N ALA B 198 17.48 -22.46 -6.03
CA ALA B 198 18.48 -22.26 -7.06
C ALA B 198 18.05 -22.81 -8.42
N TYR B 199 17.07 -23.70 -8.47
CA TYR B 199 16.74 -24.29 -9.76
C TYR B 199 15.30 -24.15 -10.15
N GLY B 200 14.43 -23.98 -9.16
CA GLY B 200 12.99 -23.98 -9.41
C GLY B 200 12.57 -23.05 -10.52
N VAL B 201 13.03 -21.79 -10.50
CA VAL B 201 12.58 -20.86 -11.54
C VAL B 201 13.18 -21.12 -12.91
N LEU B 202 14.20 -21.98 -12.96
CA LEU B 202 14.83 -22.30 -14.24
C LEU B 202 13.99 -23.26 -15.05
N GLY B 203 13.13 -24.04 -14.35
CA GLY B 203 12.29 -24.99 -15.02
C GLY B 203 11.62 -24.53 -16.30
N PRO B 204 10.73 -23.52 -16.19
CA PRO B 204 10.02 -23.05 -17.38
C PRO B 204 10.93 -22.38 -18.43
N VAL B 205 11.95 -21.60 -18.04
CA VAL B 205 12.78 -21.01 -19.09
C VAL B 205 13.39 -22.12 -19.91
N LEU B 206 13.78 -23.20 -19.25
CA LEU B 206 14.48 -24.30 -19.91
C LEU B 206 13.58 -25.27 -20.67
N GLU B 207 12.38 -25.53 -20.13
CA GLU B 207 11.53 -26.64 -20.56
C GLU B 207 10.33 -26.16 -21.37
N VAL B 208 9.82 -24.98 -21.01
CA VAL B 208 8.75 -24.34 -21.76
C VAL B 208 9.31 -23.34 -22.79
N PRO B 209 9.04 -23.62 -24.07
CA PRO B 209 9.42 -22.63 -25.06
C PRO B 209 8.24 -21.66 -25.25
N GLY B 210 8.64 -20.39 -25.27
CA GLY B 210 7.74 -19.26 -25.21
C GLY B 210 8.00 -18.51 -23.91
N VAL B 211 8.52 -19.23 -22.89
CA VAL B 211 8.72 -18.63 -21.58
C VAL B 211 10.11 -18.04 -21.46
N ARG B 212 10.16 -16.75 -21.17
CA ARG B 212 11.45 -16.08 -21.08
C ARG B 212 11.79 -15.58 -19.69
N PHE B 213 10.76 -15.39 -18.87
CA PHE B 213 10.96 -14.73 -17.58
C PHE B 213 10.15 -15.49 -16.54
N VAL B 214 10.79 -15.87 -15.44
CA VAL B 214 10.13 -16.65 -14.43
C VAL B 214 10.41 -16.08 -13.04
N LYS B 215 9.33 -15.91 -12.29
CA LYS B 215 9.38 -15.33 -10.96
C LYS B 215 9.16 -16.41 -9.91
N ALA B 216 9.79 -16.29 -8.75
CA ALA B 216 9.49 -17.19 -7.63
C ALA B 216 8.11 -16.92 -6.99
N ALA B 217 7.48 -17.97 -6.51
CA ALA B 217 6.28 -17.87 -5.70
C ALA B 217 6.56 -18.69 -4.45
N TYR B 218 5.98 -18.34 -3.31
CA TYR B 218 6.24 -19.07 -2.08
C TYR B 218 5.32 -18.64 -0.96
N ARG B 219 5.36 -19.37 0.15
CA ARG B 219 4.59 -19.01 1.35
C ARG B 219 5.48 -18.92 2.62
N ARG B 220 5.02 -18.13 3.59
CA ARG B 220 5.65 -18.07 4.92
C ARG B 220 5.17 -19.25 5.75
N PRO B 221 5.99 -19.69 6.73
CA PRO B 221 5.63 -20.83 7.59
C PRO B 221 4.49 -20.49 8.56
N GLU B 229 -2.28 -20.03 6.64
CA GLU B 229 -3.25 -20.77 5.85
C GLU B 229 -3.23 -20.33 4.37
N GLU B 230 -2.94 -19.04 4.15
CA GLU B 230 -3.02 -18.44 2.82
C GLU B 230 -2.14 -17.18 2.69
N ASP B 231 -0.93 -17.37 2.15
CA ASP B 231 0.05 -16.30 2.08
C ASP B 231 0.07 -15.56 0.71
N GLY B 232 -0.42 -14.33 0.72
CA GLY B 232 -0.36 -13.48 -0.46
C GLY B 232 0.79 -12.48 -0.42
N GLY B 233 1.80 -12.78 0.41
CA GLY B 233 3.02 -11.99 0.45
C GLY B 233 3.27 -11.17 1.71
N GLY B 234 4.36 -10.41 1.69
CA GLY B 234 4.63 -9.47 2.74
C GLY B 234 3.72 -8.26 2.62
N ARG B 235 3.82 -7.34 3.58
CA ARG B 235 3.01 -6.15 3.60
C ARG B 235 3.08 -5.29 2.33
N VAL B 236 4.28 -4.99 1.84
CA VAL B 236 4.38 -4.13 0.64
C VAL B 236 3.74 -4.79 -0.57
N THR B 237 4.00 -6.08 -0.73
CA THR B 237 3.34 -6.87 -1.78
C THR B 237 1.80 -6.83 -1.67
N GLU B 238 1.31 -7.02 -0.46
CA GLU B 238 -0.13 -7.11 -0.19
C GLU B 238 -0.86 -5.76 -0.27
N LEU B 239 -0.24 -4.73 0.32
CA LEU B 239 -0.94 -3.46 0.49
C LEU B 239 -0.61 -2.42 -0.56
N THR B 240 0.39 -2.69 -1.41
CA THR B 240 0.87 -1.69 -2.39
C THR B 240 0.91 -2.28 -3.80
N ALA B 241 1.79 -3.26 -4.02
CA ALA B 241 1.94 -3.87 -5.34
C ALA B 241 0.64 -4.46 -5.90
N LYS B 242 0.09 -5.43 -5.20
CA LYS B 242 -1.13 -6.06 -5.71
C LYS B 242 -2.27 -5.08 -5.99
N PRO B 243 -2.58 -4.19 -5.06
CA PRO B 243 -3.59 -3.16 -5.35
C PRO B 243 -3.28 -2.33 -6.61
N LEU B 244 -2.03 -1.89 -6.73
CA LEU B 244 -1.60 -1.07 -7.85
C LEU B 244 -1.62 -1.86 -9.14
N PHE B 245 -1.12 -3.08 -9.12
CA PHE B 245 -1.15 -3.87 -10.33
C PHE B 245 -2.61 -4.21 -10.72
N ASN B 246 -3.45 -4.51 -9.75
CA ASN B 246 -4.84 -4.81 -10.10
C ASN B 246 -5.50 -3.67 -10.86
N LEU B 247 -5.22 -2.45 -10.44
CA LEU B 247 -5.81 -1.32 -11.11
C LEU B 247 -5.11 -1.01 -12.44
N PHE B 248 -3.79 -0.79 -12.42
CA PHE B 248 -3.07 -0.27 -13.59
C PHE B 248 -2.42 -1.32 -14.50
N TYR B 249 -2.00 -2.46 -13.94
CA TYR B 249 -1.39 -3.52 -14.73
C TYR B 249 -2.04 -4.86 -14.43
N PRO B 250 -3.33 -5.01 -14.80
CA PRO B 250 -4.10 -6.21 -14.46
C PRO B 250 -3.43 -7.47 -14.98
N GLU B 251 -2.67 -7.40 -16.07
CA GLU B 251 -1.95 -8.58 -16.56
C GLU B 251 -1.02 -9.20 -15.52
N LEU B 252 -0.64 -8.44 -14.48
CA LEU B 252 0.32 -8.90 -13.47
C LEU B 252 -0.30 -9.41 -12.17
N ALA B 253 -1.63 -9.33 -12.07
CA ALA B 253 -2.32 -9.67 -10.83
C ALA B 253 -2.25 -11.18 -10.42
N GLY B 254 -1.88 -12.06 -11.34
CA GLY B 254 -1.76 -13.49 -11.06
C GLY B 254 -0.47 -13.87 -10.33
N PHE B 255 0.49 -12.94 -10.30
CA PHE B 255 1.72 -13.24 -9.58
C PHE B 255 1.50 -13.26 -8.09
N VAL B 256 1.83 -14.39 -7.48
CA VAL B 256 1.74 -14.56 -6.04
C VAL B 256 2.76 -13.70 -5.29
N GLN B 257 3.98 -13.57 -5.83
CA GLN B 257 5.04 -12.80 -5.19
C GLN B 257 5.73 -11.93 -6.25
N PRO B 258 5.05 -10.88 -6.71
CA PRO B 258 5.49 -10.01 -7.81
C PRO B 258 6.79 -9.28 -7.47
N LEU B 259 7.05 -9.03 -6.19
CA LEU B 259 8.24 -8.32 -5.81
C LEU B 259 9.35 -9.25 -5.39
N ALA B 260 9.17 -10.56 -5.61
CA ALA B 260 10.16 -11.56 -5.24
C ALA B 260 11.55 -11.15 -5.73
N GLY B 261 12.57 -11.31 -4.88
CA GLY B 261 13.93 -11.01 -5.28
C GLY B 261 14.53 -12.08 -6.18
N GLU B 262 13.95 -13.27 -6.15
CA GLU B 262 14.47 -14.35 -6.94
C GLU B 262 13.67 -14.53 -8.22
N PHE B 263 14.33 -14.41 -9.36
CA PHE B 263 13.69 -14.54 -10.67
C PHE B 263 14.74 -14.67 -11.75
N VAL B 264 14.37 -15.20 -12.91
CA VAL B 264 15.35 -15.48 -13.97
C VAL B 264 14.80 -15.03 -15.30
N ALA B 265 15.68 -14.51 -16.14
CA ALA B 265 15.33 -14.28 -17.54
C ALA B 265 16.57 -14.46 -18.39
N ASP B 266 16.41 -14.45 -19.71
CA ASP B 266 17.63 -14.43 -20.50
C ASP B 266 18.35 -13.07 -20.39
N ARG B 267 19.67 -13.11 -20.50
CA ARG B 267 20.45 -11.89 -20.38
C ARG B 267 20.06 -10.86 -21.44
N GLU B 268 19.78 -11.31 -22.67
CA GLU B 268 19.37 -10.37 -23.71
C GLU B 268 18.19 -9.52 -23.26
N LEU B 269 17.22 -10.15 -22.59
CA LEU B 269 16.01 -9.45 -22.16
C LEU B 269 16.38 -8.40 -21.13
N PHE B 270 17.08 -8.82 -20.08
CA PHE B 270 17.56 -7.87 -19.08
C PHE B 270 18.37 -6.71 -19.65
N CYS B 271 19.17 -6.98 -20.68
CA CYS B 271 20.00 -5.94 -21.28
C CYS B 271 19.19 -4.99 -22.13
N SER B 272 17.90 -5.30 -22.33
CA SER B 272 17.11 -4.53 -23.27
C SER B 272 16.10 -3.63 -22.59
N ILE B 273 16.10 -3.60 -21.25
CA ILE B 273 15.18 -2.78 -20.49
C ILE B 273 15.93 -1.88 -19.51
N PRO B 274 15.33 -0.74 -19.15
CA PRO B 274 15.88 0.13 -18.11
C PRO B 274 15.80 -0.56 -16.77
N PHE B 275 16.58 -0.11 -15.80
CA PHE B 275 16.40 -0.57 -14.46
C PHE B 275 16.16 0.67 -13.65
N LEU B 276 15.15 0.64 -12.78
CA LEU B 276 15.05 1.67 -11.75
C LEU B 276 16.05 1.35 -10.64
N THR B 277 16.64 2.40 -10.05
CA THR B 277 17.51 2.23 -8.89
C THR B 277 16.68 2.08 -7.60
N GLY B 278 17.34 1.78 -6.48
CA GLY B 278 16.65 1.70 -5.22
C GLY B 278 15.65 0.50 -5.15
N TYR B 279 14.71 0.58 -4.21
CA TYR B 279 13.76 -0.51 -4.01
C TYR B 279 12.72 -0.64 -5.14
N ALA B 280 12.59 0.37 -5.99
CA ALA B 280 11.66 0.36 -7.13
C ALA B 280 12.02 -0.64 -8.24
N VAL B 281 13.21 -1.21 -8.17
CA VAL B 281 13.68 -2.06 -9.24
C VAL B 281 12.73 -3.24 -9.57
N GLU B 282 12.23 -3.96 -8.55
CA GLU B 282 11.43 -5.16 -8.84
C GLU B 282 10.15 -4.84 -9.59
N THR B 283 9.50 -3.74 -9.20
CA THR B 283 8.31 -3.19 -9.87
C THR B 283 8.53 -2.80 -11.30
N GLY B 284 9.60 -2.02 -11.55
CA GLY B 284 9.93 -1.60 -12.91
C GLY B 284 10.21 -2.79 -13.81
N ILE B 285 10.92 -3.77 -13.28
CA ILE B 285 11.25 -4.95 -14.07
C ILE B 285 9.98 -5.71 -14.51
N MET B 286 9.07 -5.91 -13.55
CA MET B 286 7.80 -6.58 -13.86
C MET B 286 7.08 -5.84 -14.98
N ILE B 287 6.95 -4.53 -14.83
CA ILE B 287 6.21 -3.77 -15.82
C ILE B 287 6.93 -3.79 -17.16
N ASP B 288 8.27 -3.61 -17.15
CA ASP B 288 9.01 -3.53 -18.41
C ASP B 288 9.10 -4.90 -19.10
N VAL B 289 9.26 -5.96 -18.34
CA VAL B 289 9.29 -7.26 -18.97
C VAL B 289 7.93 -7.52 -19.65
N LEU B 290 6.86 -7.30 -18.88
CA LEU B 290 5.50 -7.40 -19.41
C LEU B 290 5.35 -6.71 -20.77
N LYS B 291 5.78 -5.45 -20.86
CA LYS B 291 5.66 -4.70 -22.12
C LYS B 291 6.53 -5.26 -23.24
N LYS B 292 7.69 -5.78 -22.86
CA LYS B 292 8.66 -6.28 -23.80
C LYS B 292 8.28 -7.59 -24.48
N VAL B 293 7.99 -8.61 -23.65
CA VAL B 293 7.79 -9.99 -24.14
C VAL B 293 6.32 -10.48 -24.04
N GLY B 294 5.49 -9.74 -23.31
CA GLY B 294 4.09 -10.13 -23.18
C GLY B 294 3.87 -11.10 -22.04
N LEU B 295 2.64 -11.14 -21.52
CA LEU B 295 2.31 -11.95 -20.35
C LEU B 295 2.56 -13.44 -20.55
N GLY B 296 2.27 -13.94 -21.75
CA GLY B 296 2.41 -15.36 -22.03
C GLY B 296 3.83 -15.84 -21.97
N ALA B 297 4.80 -14.92 -22.03
CA ALA B 297 6.21 -15.30 -21.93
C ALA B 297 6.70 -15.21 -20.50
N MET B 298 5.82 -14.87 -19.55
CA MET B 298 6.16 -14.86 -18.11
C MET B 298 5.56 -16.03 -17.31
N ALA B 299 6.23 -16.47 -16.25
CA ALA B 299 5.70 -17.60 -15.47
C ALA B 299 6.10 -17.43 -14.02
N GLN B 300 5.55 -18.23 -13.14
CA GLN B 300 6.05 -18.30 -11.77
C GLN B 300 6.10 -19.77 -11.35
N VAL B 301 6.95 -20.07 -10.40
CA VAL B 301 7.08 -21.43 -9.92
C VAL B 301 7.01 -21.39 -8.39
N ASP B 302 6.07 -22.13 -7.82
CA ASP B 302 5.92 -22.25 -6.36
C ASP B 302 7.17 -22.93 -5.81
N LEU B 303 7.85 -22.30 -4.84
CA LEU B 303 9.08 -22.89 -4.29
C LEU B 303 8.95 -23.43 -2.87
N GLY B 304 7.73 -23.44 -2.33
CA GLY B 304 7.53 -23.93 -0.97
C GLY B 304 7.57 -22.87 0.11
N GLU B 305 8.18 -23.17 1.26
CA GLU B 305 8.20 -22.27 2.41
C GLU B 305 9.44 -21.37 2.41
N ARG B 306 9.21 -20.06 2.47
CA ARG B 306 10.30 -19.10 2.61
C ARG B 306 10.16 -18.32 3.93
N GLN B 307 11.19 -18.38 4.77
CA GLN B 307 11.19 -17.64 6.04
C GLN B 307 10.90 -16.16 5.79
N ASN B 308 10.13 -15.56 6.68
CA ASN B 308 9.85 -14.15 6.58
C ASN B 308 11.00 -13.37 7.18
N ARG B 309 11.48 -12.35 6.46
CA ARG B 309 12.39 -11.40 7.09
C ARG B 309 11.59 -10.13 7.44
N HIS B 310 11.15 -10.07 8.71
CA HIS B 310 10.33 -9.00 9.27
C HIS B 310 11.12 -7.70 9.50
N GLN B 311 10.46 -6.57 9.27
CA GLN B 311 11.08 -5.25 9.48
C GLN B 311 10.06 -4.24 9.99
N HIS B 312 10.48 -2.99 10.18
CA HIS B 312 9.61 -2.01 10.84
C HIS B 312 8.61 -1.31 9.90
N LEU B 313 7.35 -1.23 10.33
CA LEU B 313 6.26 -0.67 9.50
C LEU B 313 6.65 0.71 8.96
N ARG B 314 7.49 1.43 9.71
CA ARG B 314 7.99 2.74 9.28
C ARG B 314 8.81 2.62 7.99
N ASP B 315 9.82 1.76 8.02
CA ASP B 315 10.72 1.55 6.89
C ASP B 315 10.01 0.98 5.66
N LEU B 316 8.94 0.21 5.91
CA LEU B 316 8.17 -0.36 4.82
C LEU B 316 7.50 0.78 4.04
N SER B 317 7.20 1.86 4.75
CA SER B 317 6.50 2.98 4.15
C SER B 317 7.31 3.58 3.01
N ARG B 318 8.63 3.63 3.17
CA ARG B 318 9.50 4.16 2.13
C ARG B 318 9.54 3.20 0.95
N MET B 319 9.56 1.91 1.24
CA MET B 319 9.53 0.90 0.18
C MET B 319 8.24 0.94 -0.63
N SER B 320 7.12 1.14 0.06
CA SER B 320 5.81 1.22 -0.61
C SER B 320 5.84 2.44 -1.53
N TYR B 321 6.47 3.50 -1.04
CA TYR B 321 6.49 4.72 -1.82
C TYR B 321 7.29 4.53 -3.12
N ALA B 322 8.30 3.65 -3.07
CA ALA B 322 9.11 3.33 -4.25
C ALA B 322 8.28 2.56 -5.28
N VAL B 323 7.44 1.66 -4.79
CA VAL B 323 6.54 0.96 -5.70
C VAL B 323 5.60 1.98 -6.36
N VAL B 324 4.98 2.83 -5.55
CA VAL B 324 4.14 3.89 -6.04
C VAL B 324 4.87 4.75 -7.08
N ARG B 325 6.08 5.19 -6.74
CA ARG B 325 6.84 6.03 -7.66
C ARG B 325 7.14 5.33 -8.99
N ALA B 326 7.52 4.07 -8.92
CA ALA B 326 7.78 3.29 -10.12
C ALA B 326 6.52 3.17 -11.00
N VAL B 327 5.36 2.94 -10.40
CA VAL B 327 4.12 2.84 -11.16
C VAL B 327 3.80 4.21 -11.76
N ALA B 328 3.91 5.26 -10.95
CA ALA B 328 3.60 6.60 -11.42
C ALA B 328 4.42 6.98 -12.64
N ARG B 329 5.71 6.71 -12.56
CA ARG B 329 6.63 7.04 -13.65
C ARG B 329 6.26 6.29 -14.94
N ARG B 330 6.04 4.98 -14.84
CA ARG B 330 5.58 4.22 -16.03
C ARG B 330 4.25 4.76 -16.60
N LEU B 331 3.34 5.14 -15.71
CA LEU B 331 2.06 5.71 -16.14
C LEU B 331 2.31 7.05 -16.84
N ARG B 332 3.18 7.88 -16.27
CA ARG B 332 3.49 9.12 -16.96
C ARG B 332 4.12 8.91 -18.35
N GLN B 333 5.06 7.99 -18.44
CA GLN B 333 5.68 7.70 -19.72
C GLN B 333 4.71 7.17 -20.77
N GLU B 334 3.74 6.33 -20.36
CA GLU B 334 2.69 5.82 -21.25
C GLU B 334 1.68 6.89 -21.62
N GLY B 335 1.62 7.97 -20.87
CA GLY B 335 0.63 8.99 -21.14
C GLY B 335 -0.69 8.76 -20.41
N ARG B 336 -0.77 7.69 -19.63
CA ARG B 336 -1.97 7.45 -18.82
C ARG B 336 -2.09 8.47 -17.71
N LEU B 337 -0.94 8.87 -17.18
CA LEU B 337 -0.93 9.89 -16.16
C LEU B 337 -0.29 11.17 -16.76
N GLN B 338 -0.87 12.34 -16.52
CA GLN B 338 -0.28 13.54 -17.04
C GLN B 338 -0.65 14.73 -16.17
N GLN B 339 0.01 15.87 -16.37
CA GLN B 339 -0.20 17.05 -15.53
C GLN B 339 -0.28 16.67 -14.05
N LEU B 340 0.66 15.83 -13.62
CA LEU B 340 0.73 15.29 -12.25
C LEU B 340 0.73 16.33 -11.11
N ARG B 341 1.52 17.39 -11.26
CA ARG B 341 1.47 18.51 -10.34
C ARG B 341 0.18 19.26 -10.65
N GLU B 342 -0.77 19.28 -9.72
CA GLU B 342 -2.00 20.02 -9.98
C GLU B 342 -1.69 21.51 -10.08
N PRO B 343 -2.41 22.22 -10.94
CA PRO B 343 -2.17 23.67 -11.05
C PRO B 343 -2.67 24.34 -9.78
N GLY B 344 -1.93 25.33 -9.28
CA GLY B 344 -2.34 26.04 -8.08
C GLY B 344 -1.63 25.52 -6.85
N LEU B 345 -1.19 24.26 -6.94
CA LEU B 345 -0.32 23.65 -5.96
C LEU B 345 1.07 24.32 -6.00
N PRO B 346 1.37 25.18 -5.00
CA PRO B 346 2.69 25.82 -4.83
C PRO B 346 3.84 24.85 -5.03
N GLU B 347 4.94 25.32 -5.62
CA GLU B 347 6.10 24.47 -5.97
C GLU B 347 6.68 23.73 -4.77
N SER B 348 6.64 24.40 -3.62
CA SER B 348 7.12 23.86 -2.36
C SER B 348 6.47 22.54 -1.97
N PHE B 349 5.25 22.29 -2.44
CA PHE B 349 4.54 21.03 -2.14
C PHE B 349 4.95 19.90 -3.08
N PHE B 350 5.55 20.24 -4.21
CA PHE B 350 5.79 19.22 -5.23
C PHE B 350 7.27 18.83 -5.38
N GLN B 351 7.60 17.68 -4.81
CA GLN B 351 8.97 17.20 -4.80
C GLN B 351 8.94 15.71 -4.63
N LEU B 352 8.93 14.98 -5.73
CA LEU B 352 8.70 13.55 -5.70
C LEU B 352 9.77 12.81 -4.92
N SER B 353 10.98 13.37 -4.87
CA SER B 353 12.05 12.73 -4.11
C SER B 353 11.87 12.88 -2.59
N ASP B 354 11.06 13.83 -2.12
CA ASP B 354 10.83 13.97 -0.69
C ASP B 354 9.55 13.26 -0.21
N TYR B 355 9.74 12.15 0.49
CA TYR B 355 8.69 11.46 1.18
C TYR B 355 8.45 12.09 2.55
N LEU B 356 7.23 12.58 2.78
CA LEU B 356 6.86 13.12 4.09
C LEU B 356 6.08 12.09 4.89
N HIS B 357 6.52 11.86 6.12
CA HIS B 357 5.99 10.76 6.89
C HIS B 357 5.55 11.25 8.25
N ALA B 358 4.25 11.54 8.39
CA ALA B 358 3.73 12.12 9.63
C ALA B 358 3.54 11.03 10.68
N VAL B 359 4.00 11.29 11.90
CA VAL B 359 4.00 10.27 12.94
C VAL B 359 3.60 10.88 14.24
N ALA B 360 3.19 10.03 15.17
CA ALA B 360 2.81 10.46 16.50
C ALA B 360 3.83 9.86 17.44
N THR B 361 4.44 10.70 18.26
CA THR B 361 5.45 10.25 19.19
C THR B 361 4.97 10.66 20.56
N PRO B 362 5.60 10.12 21.59
CA PRO B 362 5.23 10.50 22.95
C PRO B 362 5.57 11.96 23.23
N GLU B 363 6.42 12.61 22.42
CA GLU B 363 6.72 14.04 22.64
C GLU B 363 5.83 14.98 21.80
N GLY B 364 4.96 14.39 20.98
CA GLY B 364 3.96 15.13 20.20
C GLY B 364 3.89 14.62 18.78
N LEU B 365 3.24 15.34 17.88
CA LEU B 365 3.26 14.89 16.49
C LEU B 365 4.55 15.33 15.80
N LYS B 366 5.08 14.48 14.95
CA LYS B 366 6.29 14.80 14.24
C LYS B 366 6.15 14.55 12.76
N LEU B 367 6.57 15.53 11.96
CA LEU B 367 6.65 15.33 10.51
C LEU B 367 8.06 15.00 10.07
N GLN B 368 8.34 13.74 9.76
CA GLN B 368 9.67 13.38 9.33
C GLN B 368 9.76 13.19 7.82
N GLU B 369 10.98 13.20 7.29
CA GLU B 369 11.18 13.34 5.86
C GLU B 369 12.34 12.49 5.37
N TYR B 370 12.10 11.75 4.29
CA TYR B 370 13.09 10.89 3.69
C TYR B 370 13.27 11.29 2.27
N VAL B 371 14.53 11.38 1.85
CA VAL B 371 14.87 11.83 0.52
C VAL B 371 15.51 10.71 -0.25
N GLU B 372 14.88 10.35 -1.36
CA GLU B 372 15.47 9.39 -2.24
C GLU B 372 15.27 9.76 -3.71
N GLU B 373 16.36 10.06 -4.40
CA GLU B 373 16.29 10.37 -5.81
C GLU B 373 16.02 9.10 -6.63
N LEU B 374 14.96 9.11 -7.45
CA LEU B 374 14.68 7.98 -8.34
C LEU B 374 15.45 8.10 -9.66
N VAL B 375 16.31 7.13 -9.94
CA VAL B 375 17.08 7.16 -11.18
C VAL B 375 16.72 5.97 -12.05
N GLU B 376 16.53 6.22 -13.34
CA GLU B 376 16.39 5.17 -14.35
C GLU B 376 17.69 4.96 -15.14
N ARG B 377 18.29 3.78 -15.00
CA ARG B 377 19.45 3.40 -15.79
C ARG B 377 18.91 2.96 -17.14
N PRO B 378 19.56 3.34 -18.24
CA PRO B 378 19.05 2.92 -19.54
C PRO B 378 19.33 1.43 -19.77
N PRO B 379 18.67 0.85 -20.79
CA PRO B 379 19.04 -0.50 -21.20
C PRO B 379 20.53 -0.57 -21.44
N ILE B 380 21.16 -1.58 -20.86
CA ILE B 380 22.59 -1.65 -20.83
C ILE B 380 23.17 -1.86 -22.23
N ASN B 381 22.38 -2.46 -23.11
CA ASN B 381 22.60 -2.46 -24.56
C ASN B 381 22.85 -1.13 -25.21
N GLU B 382 22.37 -0.05 -24.59
CA GLU B 382 22.56 1.27 -25.18
C GLU B 382 23.92 1.84 -24.74
N VAL B 383 24.48 1.26 -23.69
CA VAL B 383 25.79 1.65 -23.19
C VAL B 383 26.89 0.76 -23.77
N LEU B 384 26.70 -0.55 -23.69
CA LEU B 384 27.60 -1.54 -24.26
C LEU B 384 27.13 -2.07 -25.62
N ARG B 385 27.83 -1.64 -26.68
CA ARG B 385 27.60 -2.11 -28.05
C ARG B 385 28.03 -3.58 -28.25
MG MG C . -9.79 -6.42 -12.07
CL CL D . -17.04 -0.65 -10.03
CL CL E . -13.68 4.26 -11.07
MG MG F . 7.04 15.13 -1.83
CL CL G . 9.15 10.09 -11.92
CL CL H . 13.58 11.98 -8.10
#